data_8JT6
#
_entry.id   8JT6
#
_cell.length_a   1.00
_cell.length_b   1.00
_cell.length_c   1.00
_cell.angle_alpha   90.00
_cell.angle_beta   90.00
_cell.angle_gamma   90.00
#
_symmetry.space_group_name_H-M   'P 1'
#
loop_
_entity.id
_entity.type
_entity.pdbx_description
1 polymer 'Guanine nucleotide-binding protein G(i) subunit alpha-1'
2 polymer 'Guanine nucleotide-binding protein G(I)/G(S)/G(T) subunit beta-1'
3 polymer ScFv16
4 polymer 'Guanine nucleotide-binding protein G(I)/G(S)/G(O) subunit gamma-2'
5 polymer 'Soluble cytochrome b562,5-hydroxytryptamine receptor 1A'
6 non-polymer CHOLESTEROL
7 non-polymer 'PALMITIC ACID'
8 non-polymer '[(2R)-1-[oxidanyl-[(2R,3R,5S,6R)-2,3,5,6-tetrakis(oxidanyl)-4-phosphonooxy-cyclohexyl]oxy-phosphoryl]oxy-3-tetradecanoyloxy-propan-2-yl] (5E,8E)-hexadeca-5,8,11,14-tetraenoate'
9 non-polymer 1-(4-fluorophenyl)-4-[(7R)-2,5,11-triazatetracyclo[7.6.1.0^2,7.0^12,16]hexadeca-1(15),9,12(16),13-tetraen-5-yl]butan-1-one
#
loop_
_entity_poly.entity_id
_entity_poly.type
_entity_poly.pdbx_seq_one_letter_code
_entity_poly.pdbx_strand_id
1 'polypeptide(L)'
;MGCTLSAEDKAAVERSKMIDRNLREDGEKAAREVKLLLLGAGESGKNTIVKQMKIIHEAGYSEEECKQYKAVVYSNTIQS
IIAIIRAMGRLKIDFGDSARADDARQLFVLAGAAEEGFMTAELAGVIKRLWKDSGVQACFNRSREYQLNDSAAYYLNDLD
RIAQPNYIPTQQDVLRTRVKTTGIVETHFTFKDLHFKMFDVGAQRSERKKWIHCFEGVTAIIFCVALSDYDLVLAEDEEM
NRMHASMKLFDSICNNKWFTDTSIILFLNKKDLFEEKIKKSPLTICYPEYAGSNTYEEAAAYIQCQFEDLNKRKDTKEIY
THFTCSTDTKNVQFVFDAVTDVIIKNNLKDCGLF
;
A
2 'polypeptide(L)'
;MGSLLQSELDQLRQEAEQLKNQIRDARKACADATLSQITNNIDPVGRIQMRTRRTLRGHLAKIYAMHWGTDSRLLVSASQ
DGKLIIWDSYTTNKVHAIPLRSSWVMTCAYAPSGNYVACGGLDNICSIYNLKTREGNVRVSRELAGHTGYLSCCRFLDDN
QIVTSSGDTTCALWDIETGQQTTTFTGHTGDVMSLSLAPDTRLFVSGACDASAKLWDVREGMCRQTFTGHESDINAICFF
PNGNAFATGSDDATCRLFDLRADQELMTYSHDNIICGITSVSFSKSGRLLLAGYDDFNCNVWDALKADRAGVLAGHDNRV
SCLGVTDDGMAVATGSWDSFLKIWN
;
B
3 'polypeptide(L)'
;DVQLVESGGGLVQPGGSRKLSCSASGFAFSSFGMHWVRQAPEKGLEWVAYISSGSGTIYYADTVKGRFTISRDDPKNTLF
LQMTSLRSEDTAMYYCVRSIYYYGSSPFDFWGQGTTLTVSSGGGGSGGGGSGGGGSDIVMTQATSSVPVTPGESVSISCR
SSKSLLHSNGNTYLYWFLQRPGQSPQLLIYRMSNLASGVPDRFSGSGSGTAFTLTISRLEAEDVGVYYCMQHLEYPLTFG
AGTKLELKGSLEVLFQGPAAAHHHHHHHH
;
E
4 'polypeptide(L)' ASNNTASIAQARKLVEQLKMEANIDRIKVSKAAADLMAYCEAHAKEDPLLTPVPASENPFREKKFFC G
5 'polypeptide(L)'
;MDYKDDDDAKLQTMHHHHHHHHHHHHHHHADLEDNWETLNDNLKVIEKADNAAQVKDALTKMRAAALDAQKATPPKLEDK
SPDSPEMKDFRHGFDILVGQIDDALKLANEGKVKEAQAAAEQLKTTRNAYIQKYLASENLYFQGGTTTGISDVTVSYQVI
TSLLLGTLIFCAVLGNACVVAAIALERSLQNVANYLIGSLAVTDLMVSVLVLPMAALYQVLNKWTLGQVTCDLFIALDVL
CCTSSIWHLCAIALDRYWAITDPIDYVNKRTPRRAAALISLTWLIGFLISIPPMLGWRTPEDRSDPDACTISKDHGYTIY
STFGAFYIPLLLMLVLYGRIFRAARFRIRKTVKKVEKTGADTRHGASPAPQPKKSVNGESGSRNWRLGVESKAGGALCAN
GAVRQGDDGAALEVIEVHRVGNSKEHLPLPSEAGPTPCAPASFERKNERNAEAKRKMALARERKTVKTLGIIMGTFILCW
LPFFIVALVLPFCESSCHMPTLLGAIINWLGYSNSLLNPVIYAYFNKDFQNAFKKIIKCKFCRQ
;
R
#
# COMPACT_ATOMS: atom_id res chain seq x y z
N THR A 4 -5.08 21.65 -10.77
CA THR A 4 -3.72 22.05 -10.42
C THR A 4 -3.42 23.46 -10.95
N LEU A 5 -4.14 23.85 -12.00
CA LEU A 5 -3.92 25.18 -12.59
C LEU A 5 -4.26 26.28 -11.59
N SER A 6 -5.36 26.13 -10.86
CA SER A 6 -5.81 27.18 -9.96
C SER A 6 -4.97 27.21 -8.68
N ALA A 7 -5.03 28.33 -7.99
CA ALA A 7 -4.40 28.44 -6.68
C ALA A 7 -5.18 27.61 -5.66
N GLU A 8 -4.48 27.23 -4.59
CA GLU A 8 -5.03 26.36 -3.56
C GLU A 8 -5.11 24.92 -4.05
N ASP A 9 -4.80 24.69 -5.33
CA ASP A 9 -4.72 23.33 -5.85
C ASP A 9 -3.28 22.86 -5.93
N LYS A 10 -2.37 23.77 -6.33
CA LYS A 10 -0.96 23.44 -6.31
C LYS A 10 -0.47 23.15 -4.89
N ALA A 11 -0.97 23.91 -3.91
CA ALA A 11 -0.66 23.62 -2.52
C ALA A 11 -1.17 22.25 -2.09
N ALA A 12 -2.36 21.85 -2.57
CA ALA A 12 -2.85 20.51 -2.30
C ALA A 12 -1.93 19.45 -2.90
N VAL A 13 -1.44 19.71 -4.12
CA VAL A 13 -0.52 18.77 -4.75
C VAL A 13 0.76 18.66 -3.94
N GLU A 14 1.27 19.80 -3.45
CA GLU A 14 2.47 19.78 -2.62
C GLU A 14 2.24 19.01 -1.33
N ARG A 15 1.06 19.19 -0.72
CA ARG A 15 0.74 18.45 0.49
C ARG A 15 0.69 16.95 0.21
N SER A 16 0.09 16.57 -0.92
CA SER A 16 0.05 15.16 -1.30
C SER A 16 1.45 14.61 -1.53
N LYS A 17 2.31 15.39 -2.16
CA LYS A 17 3.69 14.96 -2.38
C LYS A 17 4.42 14.76 -1.06
N MET A 18 4.23 15.67 -0.12
CA MET A 18 4.85 15.51 1.20
C MET A 18 4.30 14.29 1.91
N ILE A 19 3.00 14.03 1.81
CA ILE A 19 2.42 12.84 2.43
C ILE A 19 3.03 11.59 1.81
N ASP A 20 3.19 11.57 0.49
CA ASP A 20 3.82 10.43 -0.17
C ASP A 20 5.26 10.24 0.29
N ARG A 21 6.00 11.35 0.42
CA ARG A 21 7.38 11.26 0.89
C ARG A 21 7.43 10.66 2.29
N ASN A 22 6.57 11.14 3.19
CA ASN A 22 6.55 10.61 4.55
C ASN A 22 6.16 9.14 4.56
N LEU A 23 5.18 8.75 3.74
CA LEU A 23 4.77 7.35 3.69
C LEU A 23 5.91 6.46 3.21
N ARG A 24 6.62 6.90 2.16
CA ARG A 24 7.74 6.11 1.66
C ARG A 24 8.86 6.02 2.70
N GLU A 25 9.14 7.12 3.39
CA GLU A 25 10.17 7.10 4.42
C GLU A 25 9.80 6.14 5.55
N ASP A 26 8.54 6.16 5.98
CA ASP A 26 8.10 5.24 7.03
C ASP A 26 8.16 3.80 6.55
N GLY A 27 7.76 3.53 5.31
CA GLY A 27 7.77 2.18 4.80
C GLY A 27 9.18 1.61 4.66
N GLU A 28 10.12 2.44 4.21
CA GLU A 28 11.49 1.97 4.02
C GLU A 28 12.15 1.56 5.33
N LYS A 29 11.59 1.95 6.47
CA LYS A 29 12.16 1.59 7.77
C LYS A 29 11.61 0.27 8.28
N ALA A 30 10.34 -0.02 8.01
CA ALA A 30 9.75 -1.27 8.50
C ALA A 30 10.22 -2.47 7.69
N ALA A 31 10.59 -2.26 6.42
CA ALA A 31 10.98 -3.36 5.56
C ALA A 31 12.21 -4.10 6.06
N ARG A 32 13.06 -3.44 6.86
CA ARG A 32 14.29 -4.03 7.36
C ARG A 32 14.13 -4.59 8.78
N GLU A 33 12.93 -5.02 9.14
CA GLU A 33 12.65 -5.56 10.46
C GLU A 33 12.13 -6.98 10.33
N VAL A 34 12.66 -7.88 11.15
CA VAL A 34 12.28 -9.29 11.10
C VAL A 34 11.00 -9.48 11.92
N LYS A 35 10.02 -10.13 11.31
CA LYS A 35 8.74 -10.41 11.95
C LYS A 35 8.68 -11.88 12.34
N LEU A 36 8.36 -12.15 13.61
CA LEU A 36 8.28 -13.50 14.14
C LEU A 36 6.90 -13.70 14.76
N LEU A 37 6.29 -14.84 14.44
CA LEU A 37 4.99 -15.19 15.02
C LEU A 37 5.20 -16.13 16.20
N LEU A 38 4.59 -15.80 17.34
CA LEU A 38 4.72 -16.57 18.56
C LEU A 38 3.43 -17.33 18.81
N LEU A 39 3.54 -18.63 19.06
CA LEU A 39 2.40 -19.50 19.30
C LEU A 39 2.70 -20.43 20.46
N GLY A 40 1.65 -21.06 20.98
CA GLY A 40 1.77 -21.98 22.10
C GLY A 40 0.63 -21.80 23.08
N ALA A 41 0.31 -22.88 23.78
CA ALA A 41 -0.79 -22.85 24.75
C ALA A 41 -0.47 -21.88 25.88
N GLY A 42 -1.49 -21.60 26.69
CA GLY A 42 -1.32 -20.68 27.80
C GLY A 42 -0.30 -21.16 28.81
N GLU A 43 -0.23 -22.47 29.04
CA GLU A 43 0.69 -23.06 30.00
C GLU A 43 1.97 -23.56 29.36
N SER A 44 2.22 -23.20 28.09
CA SER A 44 3.41 -23.65 27.38
C SER A 44 4.68 -22.96 27.83
N GLY A 45 4.58 -21.91 28.65
CA GLY A 45 5.74 -21.19 29.13
C GLY A 45 6.19 -20.05 28.25
N LYS A 46 5.32 -19.52 27.38
CA LYS A 46 5.71 -18.44 26.49
C LYS A 46 6.20 -17.22 27.27
N ASN A 47 5.62 -16.97 28.44
CA ASN A 47 5.98 -15.78 29.20
C ASN A 47 7.47 -15.76 29.56
N THR A 48 8.08 -16.93 29.73
CA THR A 48 9.50 -16.97 30.06
C THR A 48 10.35 -16.38 28.95
N ILE A 49 10.00 -16.68 27.69
CA ILE A 49 10.79 -16.19 26.57
C ILE A 49 10.75 -14.67 26.51
N VAL A 50 9.57 -14.09 26.69
CA VAL A 50 9.46 -12.63 26.71
C VAL A 50 10.23 -12.07 27.90
N LYS A 51 10.16 -12.76 29.05
CA LYS A 51 10.85 -12.28 30.24
C LYS A 51 12.36 -12.24 30.02
N GLN A 52 12.91 -13.26 29.38
CA GLN A 52 14.36 -13.29 29.15
C GLN A 52 14.77 -12.33 28.04
N MET A 53 13.93 -12.14 27.03
CA MET A 53 14.24 -11.13 26.01
C MET A 53 14.25 -9.72 26.61
N LYS A 54 13.25 -9.39 27.44
CA LYS A 54 13.19 -8.05 28.00
C LYS A 54 14.28 -7.81 29.04
N ILE A 55 14.90 -8.87 29.55
CA ILE A 55 15.98 -8.72 30.52
C ILE A 55 17.32 -8.79 29.80
N THR A 182 -5.62 -5.71 25.19
CA THR A 182 -5.51 -7.10 25.60
C THR A 182 -5.56 -8.04 24.40
N GLY A 183 -5.44 -7.48 23.21
CA GLY A 183 -5.45 -8.28 22.00
C GLY A 183 -4.06 -8.74 21.59
N ILE A 184 -3.66 -8.44 20.36
CA ILE A 184 -2.34 -8.82 19.90
C ILE A 184 -1.29 -8.05 20.69
N VAL A 185 -0.27 -8.77 21.15
CA VAL A 185 0.83 -8.19 21.93
C VAL A 185 2.09 -8.23 21.07
N GLU A 186 2.74 -7.08 20.93
CA GLU A 186 3.93 -6.93 20.11
C GLU A 186 5.14 -6.66 21.00
N THR A 187 6.19 -7.44 20.82
CA THR A 187 7.44 -7.28 21.55
C THR A 187 8.56 -6.94 20.57
N HIS A 188 9.33 -5.90 20.90
CA HIS A 188 10.41 -5.42 20.06
C HIS A 188 11.73 -5.53 20.81
N PHE A 189 12.74 -6.07 20.14
CA PHE A 189 14.07 -6.19 20.72
C PHE A 189 15.10 -6.24 19.61
N THR A 190 16.34 -5.91 19.95
CA THR A 190 17.45 -5.89 19.03
C THR A 190 18.54 -6.84 19.52
N PHE A 191 19.07 -7.65 18.61
CA PHE A 191 20.12 -8.60 18.94
C PHE A 191 21.17 -8.59 17.85
N LYS A 192 22.39 -8.22 18.22
CA LYS A 192 23.54 -8.20 17.31
C LYS A 192 23.20 -7.46 16.01
N ASP A 193 22.80 -6.20 16.18
CA ASP A 193 22.54 -5.27 15.09
C ASP A 193 21.35 -5.67 14.21
N LEU A 194 20.51 -6.58 14.68
CA LEU A 194 19.34 -7.03 13.94
C LEU A 194 18.08 -6.76 14.77
N HIS A 195 17.07 -6.21 14.12
CA HIS A 195 15.83 -5.82 14.77
C HIS A 195 14.79 -6.91 14.61
N PHE A 196 14.09 -7.24 15.70
CA PHE A 196 13.09 -8.29 15.71
C PHE A 196 11.77 -7.75 16.23
N LYS A 197 10.67 -8.22 15.66
CA LYS A 197 9.32 -7.95 16.14
C LYS A 197 8.60 -9.27 16.35
N MET A 198 8.08 -9.49 17.55
CA MET A 198 7.38 -10.72 17.90
C MET A 198 5.94 -10.40 18.25
N PHE A 199 5.02 -11.17 17.69
CA PHE A 199 3.58 -10.97 17.88
C PHE A 199 3.02 -12.19 18.61
N ASP A 200 2.28 -11.94 19.69
CA ASP A 200 1.62 -13.00 20.45
C ASP A 200 0.13 -12.98 20.10
N VAL A 201 -0.39 -14.14 19.67
CA VAL A 201 -1.78 -14.21 19.20
C VAL A 201 -2.68 -15.02 20.13
N GLY A 202 -2.13 -15.60 21.20
CA GLY A 202 -2.95 -16.41 22.09
C GLY A 202 -3.77 -15.59 23.07
N ALA A 203 -3.59 -14.27 23.09
CA ALA A 203 -4.32 -13.43 24.03
C ALA A 203 -5.82 -13.43 23.75
N GLN A 204 -6.22 -13.38 22.48
CA GLN A 204 -7.62 -13.30 22.09
C GLN A 204 -8.09 -14.64 21.57
N ARG A 205 -9.26 -15.08 22.02
CA ARG A 205 -9.83 -16.37 21.64
C ARG A 205 -10.87 -16.12 20.55
N SER A 206 -10.54 -16.54 19.32
CA SER A 206 -11.44 -16.40 18.19
C SER A 206 -11.08 -17.44 17.14
N GLU A 207 -11.92 -17.52 16.11
CA GLU A 207 -11.70 -18.46 15.01
C GLU A 207 -10.36 -18.19 14.35
N ARG A 208 -9.42 -19.12 14.46
CA ARG A 208 -8.07 -18.89 13.95
C ARG A 208 -8.07 -18.75 12.43
N LYS A 209 -8.84 -19.58 11.73
CA LYS A 209 -8.78 -19.61 10.28
C LYS A 209 -9.27 -18.31 9.65
N LYS A 210 -9.97 -17.45 10.40
CA LYS A 210 -10.47 -16.19 9.85
C LYS A 210 -9.45 -15.07 9.91
N TRP A 211 -8.38 -15.22 10.69
CA TRP A 211 -7.36 -14.18 10.80
C TRP A 211 -5.93 -14.70 10.73
N ILE A 212 -5.72 -16.01 10.58
CA ILE A 212 -4.35 -16.54 10.54
C ILE A 212 -3.60 -16.01 9.33
N HIS A 213 -4.29 -15.82 8.20
CA HIS A 213 -3.65 -15.36 6.99
C HIS A 213 -3.06 -13.96 7.12
N CYS A 214 -3.47 -13.19 8.14
CA CYS A 214 -2.94 -11.84 8.31
C CYS A 214 -1.45 -11.85 8.62
N PHE A 215 -0.91 -12.97 9.11
CA PHE A 215 0.51 -13.09 9.42
C PHE A 215 1.31 -13.74 8.31
N GLU A 216 0.72 -13.96 7.15
CA GLU A 216 1.44 -14.56 6.03
C GLU A 216 2.66 -13.73 5.68
N GLY A 217 3.78 -14.41 5.43
CA GLY A 217 5.02 -13.74 5.10
C GLY A 217 5.97 -13.54 6.26
N VAL A 218 5.66 -14.06 7.44
CA VAL A 218 6.58 -13.92 8.57
C VAL A 218 7.84 -14.73 8.29
N THR A 219 8.96 -14.26 8.85
CA THR A 219 10.23 -14.93 8.65
C THR A 219 10.21 -16.35 9.23
N ALA A 220 9.67 -16.50 10.44
CA ALA A 220 9.64 -17.80 11.09
C ALA A 220 8.53 -17.79 12.15
N ILE A 221 8.16 -18.98 12.59
CA ILE A 221 7.12 -19.18 13.60
C ILE A 221 7.75 -19.83 14.82
N ILE A 222 7.50 -19.27 16.00
CA ILE A 222 8.01 -19.79 17.26
C ILE A 222 6.88 -20.55 17.95
N PHE A 223 7.13 -21.81 18.29
CA PHE A 223 6.16 -22.66 18.93
C PHE A 223 6.69 -23.13 20.28
N CYS A 224 5.85 -23.07 21.30
CA CYS A 224 6.24 -23.40 22.66
C CYS A 224 5.46 -24.62 23.15
N VAL A 225 6.18 -25.58 23.72
CA VAL A 225 5.59 -26.79 24.28
C VAL A 225 6.25 -27.07 25.62
N ALA A 226 5.45 -27.51 26.58
CA ALA A 226 5.94 -27.90 27.91
C ALA A 226 6.09 -29.41 27.95
N LEU A 227 7.30 -29.87 28.27
CA LEU A 227 7.56 -31.30 28.33
C LEU A 227 6.73 -31.99 29.40
N SER A 228 6.55 -31.33 30.55
CA SER A 228 5.81 -31.91 31.67
C SER A 228 4.31 -31.65 31.58
N ASP A 229 3.76 -31.41 30.39
CA ASP A 229 2.34 -31.08 30.25
C ASP A 229 1.47 -32.33 30.32
N TYR A 230 1.57 -33.08 31.42
CA TYR A 230 0.73 -34.23 31.68
C TYR A 230 -0.13 -34.05 32.93
N ASP A 231 -0.25 -32.83 33.44
CA ASP A 231 -0.95 -32.61 34.70
C ASP A 231 -2.46 -32.76 34.57
N LEU A 232 -3.03 -32.44 33.41
CA LEU A 232 -4.48 -32.44 33.25
C LEU A 232 -4.85 -33.10 31.93
N VAL A 233 -6.06 -33.65 31.89
CA VAL A 233 -6.62 -34.25 30.69
C VAL A 233 -7.84 -33.43 30.29
N LEU A 234 -7.78 -32.82 29.11
CA LEU A 234 -8.87 -31.99 28.61
C LEU A 234 -10.05 -32.86 28.17
N ASN A 241 -3.54 -35.10 28.55
CA ASN A 241 -4.08 -34.94 27.20
C ASN A 241 -3.68 -33.59 26.60
N ARG A 242 -3.16 -32.70 27.43
CA ARG A 242 -2.71 -31.40 26.92
C ARG A 242 -1.57 -31.57 25.94
N MET A 243 -0.71 -32.57 26.13
CA MET A 243 0.36 -32.82 25.18
C MET A 243 -0.21 -33.22 23.82
N HIS A 244 -1.27 -34.04 23.82
CA HIS A 244 -1.91 -34.40 22.55
C HIS A 244 -2.52 -33.18 21.88
N ALA A 245 -3.12 -32.28 22.67
CA ALA A 245 -3.67 -31.05 22.11
C ALA A 245 -2.56 -30.20 21.50
N SER A 246 -1.42 -30.11 22.19
CA SER A 246 -0.29 -29.36 21.65
C SER A 246 0.21 -29.97 20.35
N MET A 247 0.28 -31.31 20.29
CA MET A 247 0.69 -31.96 19.06
C MET A 247 -0.29 -31.69 17.93
N LYS A 248 -1.59 -31.73 18.23
CA LYS A 248 -2.59 -31.43 17.20
C LYS A 248 -2.46 -29.99 16.71
N LEU A 249 -2.25 -29.05 17.63
CA LEU A 249 -2.09 -27.66 17.23
C LEU A 249 -0.85 -27.48 16.37
N PHE A 250 0.26 -28.13 16.75
CA PHE A 250 1.48 -28.05 15.96
C PHE A 250 1.26 -28.61 14.56
N ASP A 251 0.56 -29.74 14.47
CA ASP A 251 0.28 -30.33 13.16
C ASP A 251 -0.58 -29.39 12.32
N SER A 252 -1.60 -28.78 12.94
CA SER A 252 -2.49 -27.89 12.20
C SER A 252 -1.74 -26.66 11.69
N ILE A 253 -0.91 -26.05 12.53
CA ILE A 253 -0.20 -24.84 12.14
C ILE A 253 0.87 -25.15 11.09
N CYS A 254 1.63 -26.23 11.31
CA CYS A 254 2.75 -26.53 10.43
C CYS A 254 2.30 -26.81 9.00
N ASN A 255 1.21 -27.55 8.83
CA ASN A 255 0.72 -27.92 7.51
C ASN A 255 -0.28 -26.93 6.96
N ASN A 256 -0.37 -25.74 7.55
CA ASN A 256 -1.28 -24.72 7.06
C ASN A 256 -0.84 -24.23 5.68
N LYS A 257 -1.82 -23.95 4.82
CA LYS A 257 -1.50 -23.51 3.47
C LYS A 257 -0.75 -22.18 3.47
N TRP A 258 -1.13 -21.27 4.38
CA TRP A 258 -0.50 -19.96 4.43
C TRP A 258 0.95 -20.02 4.88
N PHE A 259 1.39 -21.13 5.47
CA PHE A 259 2.75 -21.28 5.97
C PHE A 259 3.48 -22.42 5.28
N THR A 260 3.28 -22.57 3.96
CA THR A 260 3.90 -23.67 3.23
C THR A 260 5.42 -23.57 3.29
N ASP A 261 5.96 -22.37 3.05
CA ASP A 261 7.40 -22.15 3.02
C ASP A 261 7.96 -21.55 4.30
N THR A 262 7.13 -21.37 5.32
CA THR A 262 7.57 -20.75 6.56
C THR A 262 8.15 -21.81 7.49
N SER A 263 9.37 -21.57 7.98
CA SER A 263 10.00 -22.47 8.92
C SER A 263 9.38 -22.30 10.31
N ILE A 264 9.67 -23.27 11.18
CA ILE A 264 9.12 -23.30 12.53
C ILE A 264 10.26 -23.50 13.51
N ILE A 265 10.26 -22.71 14.58
CA ILE A 265 11.20 -22.86 15.69
C ILE A 265 10.44 -23.43 16.88
N LEU A 266 10.88 -24.57 17.39
CA LEU A 266 10.20 -25.29 18.45
C LEU A 266 11.01 -25.17 19.73
N PHE A 267 10.36 -24.70 20.80
CA PHE A 267 10.98 -24.56 22.11
C PHE A 267 10.33 -25.56 23.07
N LEU A 268 11.15 -26.43 23.65
CA LEU A 268 10.69 -27.41 24.63
C LEU A 268 11.09 -26.89 26.02
N ASN A 269 10.11 -26.43 26.78
CA ASN A 269 10.33 -25.80 28.07
C ASN A 269 10.12 -26.78 29.21
N LYS A 270 10.39 -26.30 30.43
CA LYS A 270 10.17 -27.06 31.65
C LYS A 270 10.94 -28.38 31.66
N LYS A 271 12.18 -28.37 31.15
CA LYS A 271 12.98 -29.59 31.18
C LYS A 271 13.32 -29.99 32.61
N ASP A 272 13.57 -29.01 33.48
CA ASP A 272 13.90 -29.33 34.87
C ASP A 272 12.74 -30.04 35.56
N LEU A 273 11.52 -29.54 35.37
CA LEU A 273 10.36 -30.21 35.95
C LEU A 273 10.13 -31.57 35.32
N PHE A 274 10.36 -31.69 34.02
CA PHE A 274 10.22 -32.98 33.35
C PHE A 274 11.20 -34.00 33.91
N GLU A 275 12.38 -33.53 34.35
CA GLU A 275 13.37 -34.42 34.92
C GLU A 275 12.82 -35.13 36.16
N GLU A 276 12.09 -34.40 37.01
CA GLU A 276 11.48 -35.03 38.18
C GLU A 276 10.22 -35.81 37.77
N LYS A 277 9.48 -35.31 36.79
CA LYS A 277 8.24 -35.96 36.39
C LYS A 277 8.49 -37.36 35.84
N ILE A 278 9.53 -37.51 35.03
CA ILE A 278 9.81 -38.81 34.44
C ILE A 278 10.13 -39.85 35.50
N LYS A 279 10.90 -39.50 36.53
CA LYS A 279 11.15 -40.43 37.62
C LYS A 279 9.87 -40.69 38.41
N LYS A 280 9.09 -39.64 38.70
CA LYS A 280 7.89 -39.80 39.50
C LYS A 280 6.80 -40.55 38.73
N SER A 281 6.63 -40.22 37.45
CA SER A 281 5.59 -40.83 36.62
C SER A 281 6.21 -41.32 35.32
N PRO A 282 5.72 -42.43 34.77
CA PRO A 282 6.31 -42.95 33.53
C PRO A 282 5.83 -42.20 32.30
N LEU A 283 6.69 -42.14 31.29
CA LEU A 283 6.33 -41.50 30.03
C LEU A 283 5.28 -42.30 29.27
N THR A 284 5.12 -43.59 29.59
CA THR A 284 4.12 -44.41 28.90
C THR A 284 2.71 -43.96 29.19
N ILE A 285 2.50 -43.12 30.21
CA ILE A 285 1.15 -42.64 30.52
C ILE A 285 0.58 -41.87 29.34
N CYS A 286 1.40 -41.09 28.64
CA CYS A 286 0.96 -40.33 27.49
C CYS A 286 1.17 -41.05 26.17
N TYR A 287 2.20 -41.91 26.08
CA TYR A 287 2.52 -42.67 24.87
C TYR A 287 2.56 -44.14 25.23
N PRO A 288 1.44 -44.86 25.12
CA PRO A 288 1.45 -46.29 25.46
C PRO A 288 2.41 -47.10 24.62
N GLU A 289 2.74 -46.66 23.40
CA GLU A 289 3.64 -47.39 22.52
C GLU A 289 5.11 -47.14 22.85
N TYR A 290 5.41 -46.24 23.78
CA TYR A 290 6.79 -45.96 24.14
C TYR A 290 7.44 -47.21 24.75
N ALA A 291 8.68 -47.48 24.33
CA ALA A 291 9.40 -48.65 24.81
C ALA A 291 10.81 -48.32 25.31
N GLY A 292 11.19 -47.04 25.34
CA GLY A 292 12.52 -46.67 25.78
C GLY A 292 12.63 -46.63 27.29
N SER A 293 13.85 -46.38 27.75
CA SER A 293 14.12 -46.31 29.18
C SER A 293 13.52 -45.04 29.78
N ASN A 294 13.19 -45.11 31.06
CA ASN A 294 12.59 -43.98 31.78
C ASN A 294 13.68 -43.02 32.26
N THR A 295 14.30 -42.34 31.30
CA THR A 295 15.36 -41.38 31.58
C THR A 295 15.14 -40.13 30.74
N TYR A 296 15.69 -39.01 31.23
CA TYR A 296 15.52 -37.73 30.55
C TYR A 296 16.12 -37.77 29.15
N GLU A 297 17.32 -38.34 29.02
CA GLU A 297 18.01 -38.32 27.73
C GLU A 297 17.21 -39.04 26.66
N GLU A 298 16.49 -40.10 27.03
CA GLU A 298 15.70 -40.84 26.05
C GLU A 298 14.31 -40.23 25.88
N ALA A 299 13.70 -39.80 26.98
CA ALA A 299 12.34 -39.24 26.91
C ALA A 299 12.34 -37.96 26.08
N ALA A 300 13.30 -37.07 26.31
CA ALA A 300 13.35 -35.83 25.56
C ALA A 300 13.56 -36.09 24.07
N ALA A 301 14.47 -37.02 23.74
CA ALA A 301 14.68 -37.36 22.34
C ALA A 301 13.43 -37.95 21.71
N TYR A 302 12.72 -38.82 22.43
CA TYR A 302 11.50 -39.39 21.89
C TYR A 302 10.45 -38.32 21.64
N ILE A 303 10.30 -37.38 22.57
CA ILE A 303 9.33 -36.30 22.39
C ILE A 303 9.71 -35.45 21.18
N GLN A 304 11.00 -35.11 21.06
CA GLN A 304 11.45 -34.30 19.93
C GLN A 304 11.19 -35.01 18.61
N CYS A 305 11.48 -36.31 18.54
CA CYS A 305 11.21 -37.06 17.32
C CYS A 305 9.72 -37.11 17.01
N GLN A 306 8.89 -37.30 18.05
CA GLN A 306 7.45 -37.35 17.83
C GLN A 306 6.92 -36.03 17.29
N PHE A 307 7.38 -34.91 17.83
CA PHE A 307 6.92 -33.61 17.37
C PHE A 307 7.39 -33.32 15.95
N GLU A 308 8.65 -33.64 15.65
CA GLU A 308 9.20 -33.31 14.35
C GLU A 308 8.62 -34.16 13.22
N ASP A 309 7.94 -35.26 13.55
CA ASP A 309 7.40 -36.15 12.54
C ASP A 309 6.05 -35.69 12.00
N LEU A 310 5.46 -34.65 12.57
CA LEU A 310 4.13 -34.21 12.16
C LEU A 310 4.13 -33.49 10.81
N ASN A 311 5.19 -32.77 10.47
CA ASN A 311 5.24 -32.02 9.23
C ASN A 311 5.26 -32.97 8.03
N LYS A 312 4.59 -32.56 6.95
CA LYS A 312 4.42 -33.37 5.76
C LYS A 312 5.21 -32.86 4.57
N ARG A 313 5.95 -31.76 4.73
CA ARG A 313 6.63 -31.10 3.62
C ARG A 313 8.07 -30.78 4.03
N LYS A 314 8.77 -31.79 4.55
CA LYS A 314 10.16 -31.60 4.96
C LYS A 314 11.03 -31.04 3.86
N ASP A 315 10.73 -31.34 2.60
CA ASP A 315 11.52 -30.81 1.49
C ASP A 315 11.31 -29.31 1.32
N THR A 316 10.23 -28.76 1.88
CA THR A 316 9.91 -27.35 1.72
C THR A 316 10.33 -26.51 2.92
N LYS A 317 10.28 -27.06 4.14
CA LYS A 317 10.60 -26.30 5.33
C LYS A 317 11.38 -27.19 6.30
N GLU A 318 12.09 -26.53 7.22
CA GLU A 318 12.85 -27.20 8.26
C GLU A 318 12.36 -26.75 9.63
N ILE A 319 12.60 -27.61 10.63
CA ILE A 319 12.16 -27.37 12.00
C ILE A 319 13.39 -27.31 12.88
N TYR A 320 13.48 -26.26 13.69
CA TYR A 320 14.58 -26.06 14.62
C TYR A 320 14.06 -26.29 16.03
N THR A 321 14.71 -27.22 16.75
CA THR A 321 14.30 -27.59 18.09
C THR A 321 15.39 -27.22 19.09
N HIS A 322 14.98 -26.55 20.17
CA HIS A 322 15.90 -26.15 21.23
C HIS A 322 15.26 -26.40 22.58
N PHE A 323 16.06 -26.86 23.54
CA PHE A 323 15.61 -27.07 24.92
C PHE A 323 15.92 -25.81 25.71
N THR A 324 14.88 -25.16 26.23
CA THR A 324 15.07 -23.91 26.95
C THR A 324 15.94 -24.12 28.18
N CYS A 325 16.81 -23.15 28.46
CA CYS A 325 17.73 -23.21 29.58
C CYS A 325 17.58 -21.95 30.42
N SER A 326 17.97 -22.06 31.69
CA SER A 326 17.83 -20.95 32.62
C SER A 326 18.68 -19.74 32.23
N THR A 327 19.89 -19.97 31.71
CA THR A 327 20.74 -18.85 31.31
C THR A 327 20.10 -18.09 30.17
N ASP A 328 20.33 -16.77 30.14
CA ASP A 328 19.57 -15.89 29.26
C ASP A 328 20.00 -16.00 27.81
N THR A 329 21.30 -16.10 27.55
CA THR A 329 21.83 -15.86 26.20
C THR A 329 21.46 -16.95 25.21
N LYS A 330 21.18 -18.17 25.66
CA LYS A 330 20.98 -19.28 24.72
C LYS A 330 19.77 -19.06 23.82
N ASN A 331 18.67 -18.58 24.39
CA ASN A 331 17.44 -18.46 23.60
C ASN A 331 17.60 -17.45 22.47
N VAL A 332 18.06 -16.24 22.80
CA VAL A 332 18.20 -15.20 21.78
C VAL A 332 19.24 -15.62 20.74
N GLN A 333 20.33 -16.23 21.19
CA GLN A 333 21.36 -16.67 20.25
C GLN A 333 20.80 -17.73 19.30
N PHE A 334 20.03 -18.68 19.82
CA PHE A 334 19.44 -19.70 18.97
C PHE A 334 18.47 -19.09 17.96
N VAL A 335 17.66 -18.14 18.42
CA VAL A 335 16.71 -17.48 17.51
C VAL A 335 17.45 -16.76 16.40
N PHE A 336 18.51 -16.03 16.77
CA PHE A 336 19.29 -15.30 15.77
C PHE A 336 19.93 -16.25 14.78
N ASP A 337 20.49 -17.36 15.27
CA ASP A 337 21.12 -18.33 14.39
C ASP A 337 20.11 -18.94 13.42
N ALA A 338 18.91 -19.28 13.93
CA ALA A 338 17.88 -19.83 13.07
C ALA A 338 17.45 -18.83 12.01
N VAL A 339 17.27 -17.57 12.39
CA VAL A 339 16.86 -16.55 11.43
C VAL A 339 17.93 -16.38 10.36
N THR A 340 19.20 -16.33 10.78
CA THR A 340 20.29 -16.16 9.83
C THR A 340 20.37 -17.34 8.87
N ASP A 341 20.22 -18.55 9.39
CA ASP A 341 20.24 -19.73 8.54
C ASP A 341 19.09 -19.71 7.53
N VAL A 342 17.89 -19.31 7.99
CA VAL A 342 16.75 -19.24 7.10
C VAL A 342 17.01 -18.22 5.99
N ILE A 343 17.57 -17.06 6.35
CA ILE A 343 17.83 -16.02 5.36
C ILE A 343 18.85 -16.52 4.34
N ILE A 344 19.92 -17.15 4.81
CA ILE A 344 20.96 -17.62 3.91
C ILE A 344 20.41 -18.69 2.97
N LYS A 345 19.60 -19.61 3.51
CA LYS A 345 19.02 -20.65 2.66
C LYS A 345 18.06 -20.08 1.64
N ASN A 346 17.25 -19.09 2.03
CA ASN A 346 16.36 -18.45 1.07
C ASN A 346 17.16 -17.76 -0.04
N ASN A 347 18.24 -17.07 0.33
CA ASN A 347 19.06 -16.42 -0.68
C ASN A 347 19.69 -17.45 -1.62
N LEU A 348 20.17 -18.57 -1.08
CA LEU A 348 20.74 -19.62 -1.93
C LEU A 348 19.68 -20.19 -2.86
N LYS A 349 18.46 -20.40 -2.35
CA LYS A 349 17.37 -20.89 -3.20
C LYS A 349 17.07 -19.91 -4.33
N ASP A 350 17.06 -18.61 -4.02
CA ASP A 350 16.83 -17.61 -5.05
C ASP A 350 17.93 -17.65 -6.11
N CYS A 351 19.18 -17.84 -5.69
CA CYS A 351 20.29 -17.93 -6.63
C CYS A 351 20.24 -19.20 -7.46
N GLY A 352 19.47 -20.21 -7.06
CA GLY A 352 19.36 -21.44 -7.81
C GLY A 352 20.33 -22.53 -7.38
N LEU A 353 20.98 -22.38 -6.23
CA LEU A 353 21.96 -23.37 -5.77
C LEU A 353 21.31 -24.38 -4.82
N PHE A 354 20.68 -23.90 -3.76
CA PHE A 354 20.02 -24.77 -2.79
C PHE A 354 18.81 -25.46 -3.42
N GLN B 18 -39.42 -27.76 18.17
CA GLN B 18 -40.59 -28.07 17.35
C GLN B 18 -41.02 -26.85 16.54
N LEU B 19 -40.68 -25.66 17.03
CA LEU B 19 -41.05 -24.43 16.33
C LEU B 19 -40.35 -24.32 14.98
N LYS B 20 -39.23 -25.04 14.79
CA LYS B 20 -38.57 -25.00 13.48
C LYS B 20 -39.46 -25.59 12.40
N ASN B 21 -40.15 -26.69 12.72
CA ASN B 21 -41.08 -27.27 11.76
C ASN B 21 -42.23 -26.30 11.45
N GLN B 22 -42.73 -25.59 12.46
CA GLN B 22 -43.77 -24.61 12.23
C GLN B 22 -43.29 -23.49 11.33
N ILE B 23 -42.05 -23.02 11.54
CA ILE B 23 -41.49 -21.98 10.69
C ILE B 23 -41.34 -22.48 9.26
N ARG B 24 -40.88 -23.72 9.10
CA ARG B 24 -40.75 -24.30 7.75
C ARG B 24 -42.12 -24.36 7.07
N ASP B 25 -43.14 -24.82 7.79
CA ASP B 25 -44.48 -24.88 7.22
C ASP B 25 -44.98 -23.50 6.83
N ALA B 26 -44.75 -22.50 7.69
CA ALA B 26 -45.21 -21.15 7.38
C ALA B 26 -44.51 -20.59 6.15
N ARG B 27 -43.20 -20.81 6.03
CA ARG B 27 -42.46 -20.23 4.91
C ARG B 27 -42.78 -20.95 3.60
N LYS B 28 -42.92 -22.28 3.63
CA LYS B 28 -43.12 -23.01 2.38
C LYS B 28 -44.47 -22.68 1.73
N ALA B 29 -45.44 -22.23 2.52
CA ALA B 29 -46.77 -21.95 1.97
C ALA B 29 -46.81 -20.68 1.16
N CYS B 30 -45.90 -19.74 1.40
CA CYS B 30 -45.92 -18.46 0.70
C CYS B 30 -45.20 -18.48 -0.63
N ALA B 31 -44.45 -19.54 -0.93
CA ALA B 31 -43.67 -19.62 -2.17
C ALA B 31 -44.52 -20.24 -3.27
N ASP B 32 -45.43 -19.43 -3.80
CA ASP B 32 -46.25 -19.87 -4.93
C ASP B 32 -45.42 -19.92 -6.21
N ALA B 33 -44.62 -18.88 -6.45
CA ALA B 33 -43.76 -18.81 -7.62
C ALA B 33 -42.46 -18.12 -7.23
N THR B 34 -41.35 -18.65 -7.73
CA THR B 34 -40.05 -18.09 -7.44
C THR B 34 -39.82 -16.82 -8.25
N LEU B 35 -38.97 -15.94 -7.71
CA LEU B 35 -38.68 -14.67 -8.38
C LEU B 35 -38.12 -14.88 -9.78
N SER B 36 -37.51 -16.05 -10.03
CA SER B 36 -37.04 -16.35 -11.38
C SER B 36 -38.20 -16.45 -12.38
N GLN B 37 -39.32 -17.07 -11.98
CA GLN B 37 -40.44 -17.21 -12.89
C GLN B 37 -41.05 -15.85 -13.24
N ILE B 38 -41.22 -14.99 -12.22
CA ILE B 38 -41.83 -13.69 -12.44
C ILE B 38 -40.92 -12.82 -13.31
N THR B 39 -39.61 -12.90 -13.08
CA THR B 39 -38.64 -12.11 -13.82
C THR B 39 -38.49 -12.57 -15.27
N ASN B 40 -39.09 -13.69 -15.66
CA ASN B 40 -38.94 -14.18 -17.02
C ASN B 40 -39.40 -13.16 -18.06
N ASN B 41 -40.33 -12.27 -17.70
CA ASN B 41 -40.84 -11.30 -18.66
C ASN B 41 -39.91 -10.11 -18.81
N ILE B 42 -39.08 -9.82 -17.82
CA ILE B 42 -38.22 -8.64 -17.84
C ILE B 42 -37.10 -8.85 -18.84
N ASP B 43 -36.78 -7.78 -19.58
CA ASP B 43 -35.70 -7.86 -20.55
C ASP B 43 -34.35 -7.93 -19.83
N PRO B 44 -33.33 -8.54 -20.43
CA PRO B 44 -32.03 -8.62 -19.78
C PRO B 44 -31.35 -7.26 -19.70
N VAL B 45 -30.49 -7.13 -18.69
CA VAL B 45 -29.74 -5.89 -18.50
C VAL B 45 -28.72 -5.65 -19.59
N GLY B 46 -28.32 -6.69 -20.33
CA GLY B 46 -27.31 -6.55 -21.36
C GLY B 46 -25.91 -6.74 -20.82
N ARG B 47 -24.92 -6.20 -21.52
CA ARG B 47 -23.53 -6.31 -21.14
C ARG B 47 -23.04 -4.98 -20.55
N ILE B 48 -22.40 -5.06 -19.40
CA ILE B 48 -21.87 -3.89 -18.70
C ILE B 48 -20.35 -4.00 -18.67
N GLN B 49 -19.67 -2.97 -19.15
CA GLN B 49 -18.21 -2.92 -19.17
C GLN B 49 -17.76 -1.62 -18.53
N MET B 50 -16.70 -1.71 -17.72
CA MET B 50 -16.15 -0.56 -17.01
C MET B 50 -14.64 -0.53 -17.18
N ARG B 51 -14.08 0.68 -17.09
CA ARG B 51 -12.65 0.90 -17.26
C ARG B 51 -12.11 1.67 -16.08
N THR B 52 -10.81 1.52 -15.83
CA THR B 52 -10.13 2.18 -14.71
C THR B 52 -9.72 3.58 -15.14
N ARG B 53 -10.31 4.60 -14.51
CA ARG B 53 -9.93 5.98 -14.78
C ARG B 53 -8.93 6.51 -13.76
N ARG B 54 -8.93 5.97 -12.54
CA ARG B 54 -8.02 6.44 -11.50
C ARG B 54 -7.36 5.22 -10.85
N THR B 55 -6.09 5.38 -10.52
CA THR B 55 -5.32 4.36 -9.81
C THR B 55 -4.73 4.98 -8.55
N LEU B 56 -5.29 4.61 -7.40
CA LEU B 56 -4.86 5.15 -6.12
C LEU B 56 -3.75 4.26 -5.57
N ARG B 57 -2.54 4.82 -5.47
CA ARG B 57 -1.37 4.11 -5.01
C ARG B 57 -0.72 4.86 -3.86
N GLY B 58 0.06 4.15 -3.05
CA GLY B 58 0.70 4.73 -1.89
C GLY B 58 0.71 3.76 -0.73
N HIS B 59 -0.24 2.84 -0.70
CA HIS B 59 -0.23 1.79 0.32
C HIS B 59 0.85 0.78 0.01
N LEU B 60 1.50 0.29 1.08
CA LEU B 60 2.60 -0.67 0.93
C LEU B 60 2.28 -2.04 1.47
N ALA B 61 1.08 -2.26 2.02
CA ALA B 61 0.69 -3.59 2.51
C ALA B 61 -0.69 -3.95 2.01
N LYS B 62 -1.22 -5.09 2.47
CA LYS B 62 -2.55 -5.52 2.06
C LYS B 62 -3.61 -4.56 2.58
N ILE B 63 -4.56 -4.22 1.71
CA ILE B 63 -5.67 -3.35 2.08
C ILE B 63 -6.88 -4.21 2.41
N TYR B 64 -7.53 -3.91 3.54
CA TYR B 64 -8.59 -4.76 4.07
C TYR B 64 -9.97 -4.13 4.02
N ALA B 65 -10.09 -2.82 4.18
CA ALA B 65 -11.40 -2.18 4.25
C ALA B 65 -11.34 -0.82 3.57
N MET B 66 -12.50 -0.39 3.07
CA MET B 66 -12.65 0.90 2.42
C MET B 66 -14.12 1.31 2.48
N HIS B 67 -14.35 2.61 2.61
CA HIS B 67 -15.72 3.12 2.70
C HIS B 67 -15.80 4.47 1.98
N TRP B 68 -16.81 4.62 1.12
CA TRP B 68 -17.04 5.87 0.44
C TRP B 68 -17.65 6.90 1.39
N GLY B 69 -17.28 8.16 1.20
CA GLY B 69 -17.90 9.24 1.94
C GLY B 69 -19.26 9.60 1.39
N THR B 70 -20.01 10.36 2.20
CA THR B 70 -21.34 10.78 1.78
C THR B 70 -21.30 11.74 0.59
N ASP B 71 -20.25 12.55 0.47
CA ASP B 71 -20.14 13.48 -0.65
C ASP B 71 -19.85 12.78 -1.97
N SER B 72 -19.53 11.49 -1.95
CA SER B 72 -19.23 10.71 -3.15
C SER B 72 -17.93 11.16 -3.81
N ARG B 73 -17.09 11.88 -3.09
CA ARG B 73 -15.78 12.30 -3.58
C ARG B 73 -14.63 11.84 -2.71
N LEU B 74 -14.79 11.85 -1.39
CA LEU B 74 -13.77 11.41 -0.47
C LEU B 74 -14.04 9.99 0.01
N LEU B 75 -12.98 9.21 0.15
CA LEU B 75 -13.07 7.84 0.63
C LEU B 75 -11.90 7.56 1.55
N VAL B 76 -12.09 6.59 2.45
CA VAL B 76 -11.07 6.18 3.42
C VAL B 76 -10.82 4.70 3.24
N SER B 77 -9.53 4.33 3.22
CA SER B 77 -9.13 2.94 3.10
C SER B 77 -8.09 2.63 4.17
N ALA B 78 -8.13 1.39 4.67
CA ALA B 78 -7.25 0.94 5.74
C ALA B 78 -6.38 -0.21 5.25
N SER B 79 -5.10 -0.15 5.57
CA SER B 79 -4.13 -1.17 5.19
C SER B 79 -3.40 -1.66 6.42
N GLN B 80 -2.87 -2.88 6.33
CA GLN B 80 -2.16 -3.50 7.44
C GLN B 80 -0.75 -2.96 7.62
N ASP B 81 -0.38 -1.91 6.87
CA ASP B 81 0.91 -1.26 7.06
C ASP B 81 0.89 -0.24 8.20
N GLY B 82 -0.23 -0.09 8.89
CA GLY B 82 -0.33 0.88 9.96
C GLY B 82 -0.84 2.23 9.55
N LYS B 83 -1.36 2.36 8.34
CA LYS B 83 -1.84 3.64 7.81
C LYS B 83 -3.20 3.47 7.15
N LEU B 84 -4.08 4.44 7.37
CA LEU B 84 -5.33 4.57 6.63
C LEU B 84 -5.37 5.97 6.04
N ILE B 85 -5.65 6.06 4.74
CA ILE B 85 -5.51 7.29 3.98
C ILE B 85 -6.87 7.72 3.47
N ILE B 86 -7.14 9.02 3.55
CA ILE B 86 -8.33 9.63 2.96
C ILE B 86 -7.95 10.14 1.58
N TRP B 87 -8.63 9.63 0.55
CA TRP B 87 -8.28 9.91 -0.84
C TRP B 87 -9.31 10.82 -1.48
N ASP B 88 -8.82 11.78 -2.28
CA ASP B 88 -9.69 12.62 -3.09
C ASP B 88 -9.87 11.90 -4.43
N SER B 89 -11.05 11.30 -4.63
CA SER B 89 -11.26 10.46 -5.79
C SER B 89 -11.18 11.24 -7.11
N TYR B 90 -11.32 12.56 -7.06
CA TYR B 90 -11.27 13.34 -8.30
C TYR B 90 -9.83 13.63 -8.71
N THR B 91 -9.06 14.32 -7.85
CA THR B 91 -7.68 14.66 -8.17
C THR B 91 -6.68 13.63 -7.68
N THR B 92 -7.12 12.59 -6.97
CA THR B 92 -6.28 11.54 -6.42
C THR B 92 -5.34 12.04 -5.33
N ASN B 93 -5.51 13.28 -4.86
CA ASN B 93 -4.65 13.81 -3.82
C ASN B 93 -4.95 13.14 -2.48
N LYS B 94 -3.91 13.03 -1.66
CA LYS B 94 -4.04 12.48 -0.31
C LYS B 94 -4.35 13.61 0.66
N VAL B 95 -5.50 13.52 1.31
CA VAL B 95 -5.96 14.61 2.18
C VAL B 95 -5.36 14.48 3.57
N HIS B 96 -5.44 13.29 4.17
CA HIS B 96 -4.84 13.03 5.47
C HIS B 96 -4.20 11.65 5.47
N ALA B 97 -3.10 11.53 6.23
CA ALA B 97 -2.46 10.26 6.51
C ALA B 97 -2.40 10.08 8.02
N ILE B 98 -3.17 9.14 8.54
CA ILE B 98 -3.35 8.95 9.97
C ILE B 98 -2.48 7.76 10.41
N PRO B 99 -1.47 7.98 11.25
CA PRO B 99 -0.69 6.83 11.78
C PRO B 99 -1.45 6.14 12.90
N LEU B 100 -1.66 4.84 12.74
CA LEU B 100 -2.41 4.06 13.71
C LEU B 100 -1.51 3.46 14.77
N ARG B 101 -2.08 3.23 15.96
CA ARG B 101 -1.34 2.62 17.05
C ARG B 101 -1.18 1.11 16.84
N SER B 102 -2.13 0.48 16.15
CA SER B 102 -2.07 -0.94 15.85
C SER B 102 -2.21 -1.13 14.36
N SER B 103 -1.29 -1.90 13.76
CA SER B 103 -1.27 -2.09 12.32
C SER B 103 -2.19 -3.21 11.85
N TRP B 104 -2.75 -4.00 12.77
CA TRP B 104 -3.62 -5.12 12.40
C TRP B 104 -5.07 -4.70 12.22
N VAL B 105 -5.35 -3.84 11.23
CA VAL B 105 -6.70 -3.35 11.04
C VAL B 105 -7.50 -4.36 10.22
N MET B 106 -8.80 -4.45 10.51
CA MET B 106 -9.71 -5.32 9.76
C MET B 106 -10.90 -4.57 9.16
N THR B 107 -11.23 -3.39 9.67
CA THR B 107 -12.39 -2.65 9.17
C THR B 107 -12.16 -1.16 9.37
N CYS B 108 -12.91 -0.37 8.59
CA CYS B 108 -12.88 1.08 8.71
C CYS B 108 -14.25 1.62 8.29
N ALA B 109 -14.54 2.84 8.73
CA ALA B 109 -15.83 3.45 8.45
C ALA B 109 -15.66 4.96 8.34
N TYR B 110 -16.60 5.59 7.64
CA TYR B 110 -16.65 7.04 7.47
C TYR B 110 -17.96 7.57 8.04
N ALA B 111 -17.88 8.60 8.86
CA ALA B 111 -19.08 9.17 9.45
C ALA B 111 -19.94 9.82 8.37
N PRO B 112 -21.27 9.76 8.50
CA PRO B 112 -22.12 10.41 7.49
C PRO B 112 -21.85 11.89 7.33
N SER B 113 -21.54 12.59 8.42
CA SER B 113 -21.24 14.01 8.34
C SER B 113 -19.80 14.29 7.94
N GLY B 114 -18.94 13.27 7.91
CA GLY B 114 -17.55 13.45 7.58
C GLY B 114 -16.69 14.02 8.69
N ASN B 115 -17.23 14.15 9.91
CA ASN B 115 -16.48 14.74 10.99
C ASN B 115 -15.55 13.75 11.69
N TYR B 116 -15.85 12.45 11.62
CA TYR B 116 -15.09 11.45 12.34
C TYR B 116 -14.84 10.23 11.45
N VAL B 117 -13.78 9.50 11.76
CA VAL B 117 -13.43 8.27 11.07
C VAL B 117 -13.10 7.22 12.12
N ALA B 118 -13.57 5.99 11.87
CA ALA B 118 -13.39 4.89 12.80
C ALA B 118 -12.72 3.72 12.10
N CYS B 119 -11.95 2.96 12.87
CA CYS B 119 -11.27 1.78 12.34
C CYS B 119 -10.99 0.82 13.49
N GLY B 120 -10.70 -0.43 13.12
CA GLY B 120 -10.42 -1.44 14.12
C GLY B 120 -9.97 -2.72 13.46
N GLY B 121 -9.58 -3.68 14.29
CA GLY B 121 -9.08 -4.95 13.79
C GLY B 121 -8.86 -5.98 14.87
N LEU B 122 -7.73 -6.69 14.81
CA LEU B 122 -7.42 -7.73 15.78
C LEU B 122 -7.41 -7.23 17.21
N ASP B 123 -7.14 -5.94 17.42
CA ASP B 123 -7.29 -5.36 18.75
C ASP B 123 -8.77 -5.34 19.12
N ASN B 124 -9.06 -5.53 20.40
CA ASN B 124 -10.44 -5.65 20.86
C ASN B 124 -11.04 -4.30 21.19
N ILE B 125 -10.49 -3.23 20.60
CA ILE B 125 -11.00 -1.88 20.79
C ILE B 125 -11.22 -1.23 19.43
N CYS B 126 -12.12 -0.25 19.41
CA CYS B 126 -12.43 0.52 18.22
C CYS B 126 -12.02 1.97 18.45
N SER B 127 -11.20 2.51 17.55
CA SER B 127 -10.69 3.87 17.66
C SER B 127 -11.46 4.80 16.73
N ILE B 128 -11.76 6.00 17.23
CA ILE B 128 -12.48 7.02 16.47
C ILE B 128 -11.60 8.26 16.42
N TYR B 129 -11.42 8.81 15.21
CA TYR B 129 -10.52 9.92 14.98
C TYR B 129 -11.33 11.15 14.60
N ASN B 130 -10.90 12.31 15.09
CA ASN B 130 -11.55 13.58 14.77
C ASN B 130 -10.77 14.28 13.67
N LEU B 131 -11.46 14.68 12.61
CA LEU B 131 -10.82 15.29 11.45
C LEU B 131 -10.87 16.81 11.47
N LYS B 132 -11.81 17.39 12.21
CA LYS B 132 -12.01 18.85 12.24
C LYS B 132 -11.38 19.47 13.48
N THR B 133 -10.26 18.95 13.94
CA THR B 133 -9.60 19.48 15.12
C THR B 133 -9.11 20.90 14.86
N ARG B 134 -9.18 21.74 15.90
CA ARG B 134 -8.73 23.12 15.77
C ARG B 134 -7.24 23.19 15.46
N GLU B 135 -6.45 22.27 16.00
CA GLU B 135 -5.01 22.26 15.76
C GLU B 135 -4.65 21.90 14.32
N GLY B 136 -5.57 21.30 13.57
CA GLY B 136 -5.34 20.93 12.20
C GLY B 136 -4.88 19.50 12.01
N ASN B 137 -4.43 18.83 13.07
CA ASN B 137 -3.97 17.46 12.97
C ASN B 137 -5.03 16.50 13.48
N VAL B 138 -5.11 15.32 12.84
CA VAL B 138 -6.05 14.30 13.25
C VAL B 138 -5.67 13.76 14.61
N ARG B 139 -6.66 13.60 15.49
CA ARG B 139 -6.42 13.17 16.86
C ARG B 139 -7.42 12.08 17.23
N VAL B 140 -7.05 11.25 18.21
CA VAL B 140 -7.93 10.20 18.69
C VAL B 140 -9.03 10.82 19.53
N SER B 141 -10.28 10.50 19.19
CA SER B 141 -11.43 11.05 19.91
C SER B 141 -11.89 10.11 21.03
N ARG B 142 -12.02 8.82 20.73
CA ARG B 142 -12.50 7.86 21.72
C ARG B 142 -11.98 6.48 21.35
N GLU B 143 -11.71 5.67 22.38
CA GLU B 143 -11.31 4.28 22.21
C GLU B 143 -12.38 3.41 22.86
N LEU B 144 -13.15 2.71 22.03
CA LEU B 144 -14.29 1.91 22.50
C LEU B 144 -13.79 0.51 22.83
N ALA B 145 -13.53 0.29 24.12
CA ALA B 145 -13.07 -1.01 24.62
C ALA B 145 -14.23 -1.72 25.30
N GLY B 146 -14.11 -3.05 25.42
CA GLY B 146 -15.14 -3.85 26.04
C GLY B 146 -15.34 -5.19 25.36
N HIS B 147 -14.92 -5.28 24.10
CA HIS B 147 -15.00 -6.54 23.39
C HIS B 147 -13.84 -7.46 23.78
N THR B 148 -14.03 -8.75 23.54
CA THR B 148 -13.00 -9.75 23.78
C THR B 148 -12.40 -10.33 22.51
N GLY B 149 -13.18 -10.40 21.42
CA GLY B 149 -12.66 -10.87 20.15
C GLY B 149 -12.24 -9.74 19.24
N TYR B 150 -11.70 -10.11 18.08
CA TYR B 150 -11.25 -9.12 17.12
C TYR B 150 -12.43 -8.36 16.55
N LEU B 151 -12.24 -7.05 16.38
CA LEU B 151 -13.26 -6.23 15.75
C LEU B 151 -13.40 -6.61 14.28
N SER B 152 -14.63 -6.74 13.81
CA SER B 152 -14.93 -7.20 12.46
C SER B 152 -15.47 -6.11 11.55
N CYS B 153 -16.44 -5.33 12.03
CA CYS B 153 -17.03 -4.26 11.22
C CYS B 153 -17.61 -3.20 12.14
N CYS B 154 -17.74 -1.99 11.60
CA CYS B 154 -18.32 -0.87 12.33
C CYS B 154 -18.95 0.09 11.34
N ARG B 155 -20.05 0.71 11.76
CA ARG B 155 -20.76 1.66 10.92
C ARG B 155 -21.37 2.74 11.80
N PHE B 156 -21.15 4.00 11.43
CA PHE B 156 -21.70 5.12 12.19
C PHE B 156 -23.20 5.25 11.95
N LEU B 157 -23.94 5.47 13.03
CA LEU B 157 -25.35 5.88 12.92
C LEU B 157 -25.49 7.39 12.97
N ASP B 158 -24.87 8.03 13.96
CA ASP B 158 -24.82 9.48 14.06
C ASP B 158 -23.43 9.86 14.58
N ASP B 159 -23.26 11.16 14.84
CA ASP B 159 -21.99 11.62 15.39
C ASP B 159 -21.75 11.13 16.82
N ASN B 160 -22.78 10.59 17.48
CA ASN B 160 -22.66 10.12 18.85
C ASN B 160 -23.01 8.65 19.03
N GLN B 161 -23.38 7.96 17.96
CA GLN B 161 -23.75 6.55 18.03
C GLN B 161 -23.04 5.76 16.94
N ILE B 162 -22.55 4.58 17.31
CA ILE B 162 -21.87 3.69 16.38
C ILE B 162 -22.15 2.26 16.79
N VAL B 163 -22.34 1.38 15.80
CA VAL B 163 -22.55 -0.04 16.02
C VAL B 163 -21.34 -0.80 15.48
N THR B 164 -20.81 -1.71 16.28
CA THR B 164 -19.59 -2.44 15.95
C THR B 164 -19.83 -3.94 16.05
N SER B 165 -19.07 -4.68 15.26
CA SER B 165 -19.11 -6.14 15.25
C SER B 165 -17.75 -6.69 15.66
N SER B 166 -17.75 -7.85 16.28
CA SER B 166 -16.53 -8.44 16.81
C SER B 166 -16.59 -9.96 16.65
N GLY B 167 -15.43 -10.59 16.81
CA GLY B 167 -15.35 -12.04 16.71
C GLY B 167 -15.90 -12.76 17.91
N ASP B 168 -16.38 -12.03 18.91
CA ASP B 168 -16.94 -12.63 20.12
C ASP B 168 -18.35 -13.17 19.86
N THR B 169 -18.79 -13.16 18.60
CA THR B 169 -20.11 -13.62 18.20
C THR B 169 -21.22 -12.69 18.69
N THR B 170 -20.89 -11.44 19.02
CA THR B 170 -21.85 -10.49 19.52
C THR B 170 -21.59 -9.12 18.90
N CYS B 171 -22.65 -8.32 18.82
CA CYS B 171 -22.58 -6.94 18.35
C CYS B 171 -23.05 -6.02 19.47
N ALA B 172 -22.54 -4.80 19.47
CA ALA B 172 -22.86 -3.84 20.53
C ALA B 172 -23.06 -2.46 19.92
N LEU B 173 -23.89 -1.67 20.60
CA LEU B 173 -24.12 -0.28 20.25
C LEU B 173 -23.41 0.61 21.27
N TRP B 174 -22.61 1.55 20.77
CA TRP B 174 -21.75 2.36 21.61
C TRP B 174 -22.13 3.83 21.53
N ASP B 175 -22.08 4.50 22.67
CA ASP B 175 -22.23 5.95 22.74
C ASP B 175 -20.84 6.57 22.89
N ILE B 176 -20.40 7.32 21.89
CA ILE B 176 -19.03 7.83 21.88
C ILE B 176 -18.82 8.78 23.04
N GLU B 177 -19.82 9.63 23.34
CA GLU B 177 -19.65 10.60 24.42
C GLU B 177 -19.40 9.90 25.75
N THR B 178 -20.20 8.89 26.08
CA THR B 178 -20.00 8.16 27.32
C THR B 178 -18.82 7.20 27.22
N GLY B 179 -18.62 6.60 26.04
CA GLY B 179 -17.52 5.69 25.84
C GLY B 179 -17.77 4.28 26.31
N GLN B 180 -19.04 3.85 26.39
CA GLN B 180 -19.36 2.49 26.79
C GLN B 180 -20.53 2.01 25.95
N GLN B 181 -20.63 0.68 25.81
CA GLN B 181 -21.69 0.08 25.00
C GLN B 181 -23.01 0.13 25.78
N THR B 182 -24.00 0.83 25.22
CA THR B 182 -25.29 0.93 25.87
C THR B 182 -26.12 -0.34 25.70
N THR B 183 -25.99 -1.02 24.56
CA THR B 183 -26.76 -2.22 24.29
C THR B 183 -25.84 -3.29 23.74
N THR B 184 -26.21 -4.55 23.97
CA THR B 184 -25.43 -5.69 23.51
C THR B 184 -26.36 -6.63 22.74
N PHE B 185 -25.86 -7.13 21.61
CA PHE B 185 -26.62 -8.03 20.74
C PHE B 185 -25.98 -9.42 20.81
N THR B 186 -26.79 -10.43 21.16
CA THR B 186 -26.31 -11.79 21.32
C THR B 186 -27.27 -12.75 20.65
N GLY B 187 -26.76 -13.92 20.27
CA GLY B 187 -27.58 -14.94 19.64
C GLY B 187 -26.85 -15.72 18.57
N HIS B 188 -25.78 -15.15 18.03
CA HIS B 188 -25.00 -15.84 17.01
C HIS B 188 -24.13 -16.92 17.64
N THR B 189 -24.00 -18.03 16.93
CA THR B 189 -23.15 -19.14 17.38
C THR B 189 -21.70 -18.95 16.96
N GLY B 190 -21.46 -18.51 15.72
CA GLY B 190 -20.13 -18.28 15.23
C GLY B 190 -19.76 -16.80 15.25
N ASP B 191 -18.51 -16.53 14.88
CA ASP B 191 -18.02 -15.15 14.84
C ASP B 191 -18.76 -14.35 13.78
N VAL B 192 -19.06 -13.10 14.10
CA VAL B 192 -19.77 -12.21 13.19
C VAL B 192 -18.75 -11.61 12.23
N MET B 193 -18.98 -11.76 10.93
CA MET B 193 -18.02 -11.36 9.92
C MET B 193 -18.35 -10.02 9.25
N SER B 194 -19.61 -9.61 9.26
CA SER B 194 -19.99 -8.39 8.56
C SER B 194 -21.20 -7.77 9.25
N LEU B 195 -21.41 -6.48 8.98
CA LEU B 195 -22.54 -5.74 9.52
C LEU B 195 -22.92 -4.65 8.52
N SER B 196 -24.22 -4.39 8.41
CA SER B 196 -24.75 -3.40 7.48
C SER B 196 -25.92 -2.68 8.13
N LEU B 197 -25.97 -1.36 7.99
CA LEU B 197 -27.05 -0.57 8.54
C LEU B 197 -28.16 -0.38 7.51
N ALA B 198 -29.40 -0.36 7.98
CA ALA B 198 -30.53 -0.14 7.10
C ALA B 198 -30.59 1.32 6.67
N PRO B 199 -31.30 1.62 5.57
CA PRO B 199 -31.38 3.02 5.11
C PRO B 199 -31.90 3.97 6.16
N ASP B 200 -32.88 3.55 6.96
CA ASP B 200 -33.44 4.39 8.01
C ASP B 200 -32.74 4.23 9.36
N THR B 201 -31.76 3.33 9.46
CA THR B 201 -30.96 3.13 10.66
C THR B 201 -31.76 2.52 11.81
N ARG B 202 -33.02 2.16 11.56
CA ARG B 202 -33.83 1.52 12.60
C ARG B 202 -33.45 0.06 12.79
N LEU B 203 -32.94 -0.60 11.75
CA LEU B 203 -32.59 -2.01 11.80
C LEU B 203 -31.24 -2.22 11.15
N PHE B 204 -30.58 -3.32 11.53
CA PHE B 204 -29.32 -3.71 10.91
C PHE B 204 -29.23 -5.23 10.92
N VAL B 205 -28.42 -5.76 10.01
CA VAL B 205 -28.24 -7.20 9.84
C VAL B 205 -26.75 -7.52 9.93
N SER B 206 -26.46 -8.74 10.38
CA SER B 206 -25.09 -9.20 10.53
C SER B 206 -24.96 -10.63 10.01
N GLY B 207 -23.78 -10.96 9.52
CA GLY B 207 -23.47 -12.31 9.09
C GLY B 207 -22.40 -12.91 9.97
N ALA B 208 -22.53 -14.22 10.20
CA ALA B 208 -21.67 -14.91 11.15
C ALA B 208 -21.14 -16.20 10.51
N CYS B 209 -20.13 -16.77 11.16
CA CYS B 209 -19.52 -18.02 10.70
C CYS B 209 -20.48 -19.19 10.76
N ASP B 210 -21.59 -19.08 11.48
CA ASP B 210 -22.58 -20.14 11.58
C ASP B 210 -23.46 -20.25 10.34
N ALA B 211 -23.16 -19.49 9.28
CA ALA B 211 -23.87 -19.54 8.01
C ALA B 211 -25.29 -19.01 8.09
N SER B 212 -25.64 -18.32 9.17
CA SER B 212 -26.96 -17.74 9.33
C SER B 212 -26.87 -16.22 9.45
N ALA B 213 -27.88 -15.54 8.90
CA ALA B 213 -27.99 -14.09 8.96
C ALA B 213 -29.14 -13.70 9.88
N LYS B 214 -28.88 -12.76 10.77
CA LYS B 214 -29.85 -12.34 11.78
C LYS B 214 -30.13 -10.85 11.66
N LEU B 215 -31.40 -10.49 11.76
CA LEU B 215 -31.83 -9.10 11.75
C LEU B 215 -32.10 -8.66 13.19
N TRP B 216 -31.53 -7.51 13.56
CA TRP B 216 -31.58 -7.02 14.93
C TRP B 216 -32.25 -5.65 14.97
N ASP B 217 -33.01 -5.39 16.04
CA ASP B 217 -33.70 -4.12 16.22
C ASP B 217 -32.82 -3.21 17.07
N VAL B 218 -32.41 -2.08 16.49
CA VAL B 218 -31.55 -1.14 17.21
C VAL B 218 -32.29 -0.56 18.41
N ARG B 219 -33.56 -0.21 18.24
CA ARG B 219 -34.31 0.44 19.31
C ARG B 219 -34.54 -0.50 20.48
N GLU B 220 -34.97 -1.73 20.20
CA GLU B 220 -35.26 -2.70 21.25
C GLU B 220 -34.07 -3.60 21.57
N GLY B 221 -33.08 -3.68 20.69
CA GLY B 221 -31.92 -4.51 20.94
C GLY B 221 -32.22 -5.99 21.03
N MET B 222 -33.10 -6.50 20.16
CA MET B 222 -33.45 -7.92 20.15
C MET B 222 -33.58 -8.38 18.71
N CYS B 223 -33.27 -9.65 18.48
CA CYS B 223 -33.36 -10.22 17.15
C CYS B 223 -34.81 -10.43 16.76
N ARG B 224 -35.15 -10.04 15.53
CA ARG B 224 -36.50 -10.19 15.00
C ARG B 224 -36.63 -11.35 14.02
N GLN B 225 -35.62 -11.60 13.20
CA GLN B 225 -35.69 -12.63 12.19
C GLN B 225 -34.33 -13.28 12.01
N THR B 226 -34.34 -14.53 11.56
CA THR B 226 -33.11 -15.28 11.28
C THR B 226 -33.23 -15.92 9.90
N PHE B 227 -32.12 -15.93 9.17
CA PHE B 227 -32.08 -16.47 7.82
C PHE B 227 -30.95 -17.49 7.72
N THR B 228 -31.19 -18.55 6.94
CA THR B 228 -30.22 -19.62 6.76
C THR B 228 -30.25 -20.09 5.31
N GLY B 229 -29.32 -20.98 4.99
CA GLY B 229 -29.22 -21.53 3.64
C GLY B 229 -27.79 -21.67 3.18
N HIS B 230 -26.91 -20.84 3.71
CA HIS B 230 -25.51 -20.90 3.33
C HIS B 230 -24.86 -22.16 3.88
N GLU B 231 -23.97 -22.76 3.07
CA GLU B 231 -23.28 -23.98 3.48
C GLU B 231 -21.98 -23.71 4.21
N SER B 232 -21.53 -22.46 4.28
CA SER B 232 -20.27 -22.13 4.95
C SER B 232 -20.39 -20.73 5.54
N ASP B 233 -19.24 -20.18 5.94
CA ASP B 233 -19.22 -18.89 6.62
C ASP B 233 -19.67 -17.78 5.69
N ILE B 234 -20.43 -16.83 6.23
CA ILE B 234 -20.87 -15.66 5.49
C ILE B 234 -19.84 -14.55 5.70
N ASN B 235 -19.34 -13.98 4.60
CA ASN B 235 -18.27 -13.01 4.68
C ASN B 235 -18.74 -11.57 4.53
N ALA B 236 -19.83 -11.34 3.79
CA ALA B 236 -20.28 -9.98 3.52
C ALA B 236 -21.80 -9.94 3.51
N ILE B 237 -22.35 -8.75 3.76
CA ILE B 237 -23.79 -8.54 3.78
C ILE B 237 -24.06 -7.08 3.44
N CYS B 238 -25.14 -6.84 2.69
CA CYS B 238 -25.50 -5.50 2.27
C CYS B 238 -27.00 -5.43 2.01
N PHE B 239 -27.60 -4.32 2.43
CA PHE B 239 -29.03 -4.11 2.22
C PHE B 239 -29.31 -3.73 0.76
N PHE B 240 -30.47 -4.16 0.28
CA PHE B 240 -30.99 -3.66 -0.98
C PHE B 240 -31.39 -2.20 -0.82
N PRO B 241 -31.24 -1.38 -1.86
CA PRO B 241 -31.49 0.07 -1.68
C PRO B 241 -32.87 0.38 -1.13
N ASN B 242 -33.89 -0.39 -1.50
CA ASN B 242 -35.23 -0.19 -0.96
C ASN B 242 -35.31 -0.57 0.52
N GLY B 243 -34.40 -1.40 1.02
CA GLY B 243 -34.39 -1.80 2.40
C GLY B 243 -35.26 -2.99 2.73
N ASN B 244 -36.00 -3.55 1.76
CA ASN B 244 -36.84 -4.71 2.01
C ASN B 244 -36.11 -6.02 1.79
N ALA B 245 -34.86 -6.00 1.33
CA ALA B 245 -34.10 -7.22 1.08
C ALA B 245 -32.62 -6.94 1.23
N PHE B 246 -31.85 -8.01 1.37
CA PHE B 246 -30.40 -7.91 1.50
C PHE B 246 -29.76 -9.13 0.87
N ALA B 247 -28.48 -8.99 0.54
CA ALA B 247 -27.69 -10.06 -0.08
C ALA B 247 -26.49 -10.39 0.80
N THR B 248 -26.02 -11.63 0.69
CA THR B 248 -24.91 -12.12 1.50
C THR B 248 -23.90 -12.82 0.61
N GLY B 249 -22.64 -12.77 1.03
CA GLY B 249 -21.57 -13.46 0.32
C GLY B 249 -20.84 -14.40 1.26
N SER B 250 -20.63 -15.63 0.80
CA SER B 250 -20.04 -16.69 1.60
C SER B 250 -18.96 -17.39 0.80
N ASP B 251 -18.30 -18.35 1.46
CA ASP B 251 -17.28 -19.18 0.81
C ASP B 251 -17.89 -20.18 -0.16
N ASP B 252 -19.22 -20.29 -0.20
CA ASP B 252 -19.89 -21.23 -1.10
C ASP B 252 -19.72 -20.87 -2.57
N ALA B 253 -19.22 -19.67 -2.87
CA ALA B 253 -19.15 -19.17 -4.24
C ALA B 253 -20.56 -18.89 -4.78
N THR B 254 -21.46 -18.54 -3.87
CA THR B 254 -22.84 -18.21 -4.21
C THR B 254 -23.27 -16.96 -3.45
N CYS B 255 -24.06 -16.13 -4.13
CA CYS B 255 -24.69 -14.97 -3.51
C CYS B 255 -26.18 -15.24 -3.34
N ARG B 256 -26.67 -15.03 -2.13
CA ARG B 256 -28.06 -15.31 -1.79
C ARG B 256 -28.74 -14.02 -1.33
N LEU B 257 -29.92 -13.76 -1.87
CA LEU B 257 -30.69 -12.56 -1.54
C LEU B 257 -31.89 -12.97 -0.70
N PHE B 258 -32.09 -12.27 0.42
CA PHE B 258 -33.16 -12.57 1.36
C PHE B 258 -34.09 -11.36 1.49
N ASP B 259 -35.38 -11.62 1.55
CA ASP B 259 -36.40 -10.59 1.72
C ASP B 259 -36.94 -10.63 3.14
N LEU B 260 -36.95 -9.47 3.80
CA LEU B 260 -37.37 -9.42 5.20
C LEU B 260 -38.84 -9.78 5.35
N ARG B 261 -39.71 -9.15 4.57
CA ARG B 261 -41.15 -9.41 4.68
C ARG B 261 -41.50 -10.84 4.32
N ALA B 262 -40.92 -11.38 3.24
CA ALA B 262 -41.18 -12.76 2.85
C ALA B 262 -40.47 -13.77 3.74
N ASP B 263 -39.37 -13.37 4.39
CA ASP B 263 -38.62 -14.25 5.28
C ASP B 263 -38.15 -15.51 4.59
N GLN B 264 -37.83 -15.43 3.30
CA GLN B 264 -37.37 -16.59 2.54
C GLN B 264 -36.42 -16.14 1.45
N GLU B 265 -35.55 -17.05 1.03
CA GLU B 265 -34.61 -16.76 -0.05
C GLU B 265 -35.35 -16.60 -1.36
N LEU B 266 -34.90 -15.64 -2.18
CA LEU B 266 -35.50 -15.45 -3.50
C LEU B 266 -34.73 -16.21 -4.57
N MET B 267 -33.41 -16.03 -4.63
CA MET B 267 -32.59 -16.75 -5.59
C MET B 267 -31.16 -16.77 -5.08
N THR B 268 -30.34 -17.62 -5.70
CA THR B 268 -28.92 -17.70 -5.43
C THR B 268 -28.15 -17.49 -6.73
N TYR B 269 -27.12 -16.65 -6.67
CA TYR B 269 -26.27 -16.35 -7.83
C TYR B 269 -24.99 -17.14 -7.68
N SER B 270 -24.71 -18.02 -8.64
CA SER B 270 -23.53 -18.87 -8.57
C SER B 270 -23.16 -19.31 -9.97
N HIS B 271 -21.92 -19.78 -10.11
CA HIS B 271 -21.42 -20.30 -11.37
C HIS B 271 -20.49 -21.47 -11.08
N ASP B 272 -20.53 -22.47 -11.96
CA ASP B 272 -19.71 -23.66 -11.75
C ASP B 272 -18.21 -23.34 -11.84
N ASN B 273 -17.85 -22.31 -12.60
CA ASN B 273 -16.43 -22.00 -12.80
C ASN B 273 -15.83 -21.31 -11.57
N ILE B 274 -16.65 -20.65 -10.78
CA ILE B 274 -16.16 -19.72 -9.75
C ILE B 274 -15.88 -20.51 -8.47
N ILE B 275 -14.61 -20.88 -8.27
CA ILE B 275 -14.12 -21.42 -7.01
C ILE B 275 -13.79 -20.24 -6.09
N CYS B 276 -13.53 -20.51 -4.82
CA CYS B 276 -13.03 -19.48 -3.90
C CYS B 276 -14.00 -18.33 -3.80
N GLY B 277 -15.16 -18.58 -3.20
CA GLY B 277 -16.30 -17.69 -3.31
C GLY B 277 -16.06 -16.28 -2.75
N ILE B 278 -17.18 -15.60 -2.51
CA ILE B 278 -17.22 -14.15 -2.40
C ILE B 278 -16.44 -13.68 -1.17
N THR B 279 -15.99 -12.43 -1.21
CA THR B 279 -15.40 -11.75 -0.07
C THR B 279 -16.09 -10.42 0.24
N SER B 280 -16.79 -9.82 -0.70
CA SER B 280 -17.47 -8.54 -0.49
C SER B 280 -18.70 -8.50 -1.37
N VAL B 281 -19.66 -7.65 -0.98
CA VAL B 281 -20.93 -7.50 -1.69
C VAL B 281 -21.36 -6.04 -1.65
N SER B 282 -21.99 -5.60 -2.74
CA SER B 282 -22.50 -4.24 -2.83
C SER B 282 -23.61 -4.19 -3.87
N PHE B 283 -24.40 -3.12 -3.83
CA PHE B 283 -25.50 -2.91 -4.75
C PHE B 283 -25.36 -1.55 -5.44
N SER B 284 -25.93 -1.46 -6.63
CA SER B 284 -25.96 -0.19 -7.34
C SER B 284 -27.02 0.73 -6.71
N LYS B 285 -27.07 1.97 -7.23
CA LYS B 285 -28.03 2.93 -6.68
C LYS B 285 -29.47 2.45 -6.86
N SER B 286 -29.80 1.91 -8.04
CA SER B 286 -31.15 1.39 -8.27
C SER B 286 -31.28 -0.08 -7.89
N GLY B 287 -30.17 -0.78 -7.67
CA GLY B 287 -30.20 -2.17 -7.27
C GLY B 287 -30.38 -3.16 -8.41
N ARG B 288 -30.36 -2.71 -9.66
CA ARG B 288 -30.56 -3.62 -10.78
C ARG B 288 -29.45 -4.66 -10.84
N LEU B 289 -28.21 -4.24 -10.64
CA LEU B 289 -27.05 -5.11 -10.75
C LEU B 289 -26.37 -5.26 -9.39
N LEU B 290 -25.80 -6.43 -9.15
CA LEU B 290 -25.16 -6.77 -7.88
C LEU B 290 -23.66 -6.96 -8.13
N LEU B 291 -22.84 -6.28 -7.35
CA LEU B 291 -21.39 -6.37 -7.45
C LEU B 291 -20.84 -7.12 -6.25
N ALA B 292 -19.97 -8.09 -6.51
CA ALA B 292 -19.38 -8.91 -5.46
C ALA B 292 -17.90 -9.11 -5.75
N GLY B 293 -17.10 -9.09 -4.68
CA GLY B 293 -15.67 -9.34 -4.79
C GLY B 293 -15.35 -10.79 -4.49
N TYR B 294 -14.44 -11.36 -5.28
CA TYR B 294 -14.11 -12.77 -5.20
C TYR B 294 -12.63 -12.94 -4.91
N ASP B 295 -12.27 -14.13 -4.42
CA ASP B 295 -10.87 -14.45 -4.18
C ASP B 295 -10.08 -14.63 -5.47
N ASP B 296 -10.75 -14.67 -6.63
CA ASP B 296 -10.07 -14.71 -7.92
C ASP B 296 -9.57 -13.35 -8.36
N PHE B 297 -9.43 -12.39 -7.44
CA PHE B 297 -9.01 -11.02 -7.75
C PHE B 297 -9.75 -10.46 -8.96
N ASN B 298 -10.99 -10.88 -9.15
CA ASN B 298 -11.87 -10.36 -10.19
C ASN B 298 -13.26 -10.13 -9.61
N CYS B 299 -13.83 -8.97 -9.92
CA CYS B 299 -15.16 -8.62 -9.45
C CYS B 299 -16.18 -8.89 -10.54
N ASN B 300 -17.19 -9.69 -10.20
CA ASN B 300 -18.22 -10.10 -11.14
C ASN B 300 -19.51 -9.33 -10.86
N VAL B 301 -20.10 -8.78 -11.91
CA VAL B 301 -21.35 -8.02 -11.82
C VAL B 301 -22.49 -8.95 -12.19
N TRP B 302 -23.46 -9.09 -11.28
CA TRP B 302 -24.59 -9.99 -11.46
C TRP B 302 -25.87 -9.18 -11.58
N ASP B 303 -26.77 -9.65 -12.43
CA ASP B 303 -28.08 -9.03 -12.58
C ASP B 303 -28.96 -9.46 -11.41
N ALA B 304 -29.37 -8.50 -10.57
CA ALA B 304 -30.16 -8.83 -9.39
C ALA B 304 -31.47 -9.53 -9.74
N LEU B 305 -32.05 -9.24 -10.90
CA LEU B 305 -33.32 -9.84 -11.30
C LEU B 305 -33.11 -11.02 -12.26
N LYS B 306 -32.27 -10.84 -13.28
CA LYS B 306 -32.04 -11.89 -14.26
C LYS B 306 -31.10 -12.98 -13.77
N ALA B 307 -30.35 -12.73 -12.70
CA ALA B 307 -29.44 -13.73 -12.14
C ALA B 307 -28.40 -14.16 -13.17
N ASP B 308 -27.83 -13.19 -13.89
CA ASP B 308 -26.81 -13.44 -14.90
C ASP B 308 -25.63 -12.51 -14.67
N ARG B 309 -24.44 -12.99 -15.03
CA ARG B 309 -23.23 -12.20 -14.90
C ARG B 309 -23.14 -11.21 -16.06
N ALA B 310 -23.21 -9.92 -15.75
CA ALA B 310 -23.23 -8.89 -16.79
C ALA B 310 -21.85 -8.34 -17.12
N GLY B 311 -20.83 -8.67 -16.34
CA GLY B 311 -19.50 -8.17 -16.60
C GLY B 311 -18.52 -8.67 -15.56
N VAL B 312 -17.26 -8.29 -15.76
CA VAL B 312 -16.18 -8.66 -14.85
C VAL B 312 -15.16 -7.54 -14.80
N LEU B 313 -14.89 -7.05 -13.59
CA LEU B 313 -13.92 -5.97 -13.41
C LEU B 313 -12.55 -6.53 -13.05
N ALA B 314 -11.98 -7.35 -13.95
CA ALA B 314 -10.67 -7.96 -13.70
C ALA B 314 -9.58 -6.91 -13.87
N GLY B 315 -9.13 -6.33 -12.75
CA GLY B 315 -8.09 -5.32 -12.78
C GLY B 315 -7.14 -5.40 -11.60
N HIS B 316 -7.08 -6.55 -10.94
CA HIS B 316 -6.23 -6.74 -9.78
C HIS B 316 -5.36 -7.98 -9.98
N ASP B 317 -4.48 -8.23 -9.02
CA ASP B 317 -3.49 -9.30 -9.13
C ASP B 317 -3.54 -10.30 -7.99
N ASN B 318 -3.97 -9.89 -6.80
CA ASN B 318 -3.89 -10.76 -5.63
C ASN B 318 -5.26 -11.19 -5.13
N ARG B 319 -6.12 -10.23 -4.80
CA ARG B 319 -7.44 -10.55 -4.27
C ARG B 319 -8.27 -9.28 -4.11
N VAL B 320 -9.59 -9.41 -4.26
CA VAL B 320 -10.51 -8.30 -4.02
C VAL B 320 -10.97 -8.40 -2.57
N SER B 321 -10.48 -7.50 -1.73
CA SER B 321 -10.82 -7.52 -0.31
C SER B 321 -12.04 -6.67 0.03
N CYS B 322 -12.23 -5.55 -0.67
CA CYS B 322 -13.32 -4.63 -0.36
C CYS B 322 -13.73 -3.88 -1.61
N LEU B 323 -14.99 -3.45 -1.64
CA LEU B 323 -15.50 -2.63 -2.72
C LEU B 323 -16.75 -1.89 -2.23
N GLY B 324 -17.06 -0.79 -2.89
CA GLY B 324 -18.20 0.02 -2.51
C GLY B 324 -18.68 0.94 -3.61
N VAL B 325 -19.99 1.18 -3.65
CA VAL B 325 -20.61 2.03 -4.67
C VAL B 325 -20.94 3.37 -4.03
N THR B 326 -20.63 4.46 -4.73
CA THR B 326 -20.92 5.79 -4.23
C THR B 326 -22.42 5.97 -4.04
N ASP B 327 -22.79 6.77 -3.04
CA ASP B 327 -24.20 7.06 -2.82
C ASP B 327 -24.83 7.70 -4.04
N ASP B 328 -24.06 8.49 -4.79
CA ASP B 328 -24.54 9.04 -6.05
C ASP B 328 -24.63 7.99 -7.15
N GLY B 329 -23.87 6.90 -7.04
CA GLY B 329 -23.87 5.86 -8.05
C GLY B 329 -23.03 6.15 -9.27
N MET B 330 -22.25 7.23 -9.25
CA MET B 330 -21.44 7.57 -10.43
C MET B 330 -20.38 6.52 -10.71
N ALA B 331 -19.72 6.01 -9.66
CA ALA B 331 -18.61 5.08 -9.85
C ALA B 331 -18.55 4.13 -8.66
N VAL B 332 -17.83 3.02 -8.88
CA VAL B 332 -17.63 2.00 -7.86
C VAL B 332 -16.13 1.81 -7.65
N ALA B 333 -15.72 1.83 -6.39
CA ALA B 333 -14.32 1.64 -6.02
C ALA B 333 -14.09 0.23 -5.49
N THR B 334 -12.90 -0.29 -5.75
CA THR B 334 -12.52 -1.64 -5.35
C THR B 334 -11.16 -1.60 -4.66
N GLY B 335 -11.02 -2.38 -3.58
CA GLY B 335 -9.76 -2.52 -2.90
C GLY B 335 -9.21 -3.92 -3.06
N SER B 336 -7.90 -4.10 -2.85
CA SER B 336 -7.28 -5.39 -3.10
C SER B 336 -6.05 -5.55 -2.22
N TRP B 337 -5.63 -6.81 -2.06
CA TRP B 337 -4.37 -7.10 -1.37
C TRP B 337 -3.17 -6.59 -2.15
N ASP B 338 -3.36 -6.22 -3.41
CA ASP B 338 -2.26 -5.68 -4.21
C ASP B 338 -1.79 -4.32 -3.69
N SER B 339 -2.56 -3.71 -2.79
CA SER B 339 -2.26 -2.41 -2.18
C SER B 339 -2.65 -1.25 -3.08
N PHE B 340 -3.54 -1.46 -4.06
CA PHE B 340 -4.01 -0.41 -4.93
C PHE B 340 -5.54 -0.43 -5.00
N LEU B 341 -6.12 0.75 -5.19
CA LEU B 341 -7.56 0.90 -5.35
C LEU B 341 -7.88 1.33 -6.77
N LYS B 342 -8.95 0.77 -7.32
CA LYS B 342 -9.41 1.07 -8.67
C LYS B 342 -10.86 1.53 -8.62
N ILE B 343 -11.18 2.56 -9.40
CA ILE B 343 -12.52 3.11 -9.47
C ILE B 343 -13.07 2.84 -10.87
N TRP B 344 -14.26 2.26 -10.95
CA TRP B 344 -14.83 1.79 -12.20
C TRP B 344 -16.16 2.51 -12.47
N ASN B 345 -16.54 2.54 -13.74
CA ASN B 345 -17.80 3.18 -14.15
C ASN B 345 -18.27 2.59 -15.47
N GLN C 3 -2.23 30.36 19.05
CA GLN C 3 -2.14 31.85 18.97
C GLN C 3 -0.84 32.27 18.27
N LEU C 4 -0.84 33.48 17.73
CA LEU C 4 0.30 34.03 17.00
C LEU C 4 0.69 35.37 17.61
N VAL C 5 1.99 35.54 17.84
CA VAL C 5 2.52 36.81 18.37
C VAL C 5 3.72 37.21 17.54
N GLU C 6 3.69 38.45 17.02
CA GLU C 6 4.76 38.97 16.19
C GLU C 6 5.64 39.93 17.00
N SER C 7 6.91 39.99 16.64
CA SER C 7 7.87 40.86 17.31
C SER C 7 8.91 41.31 16.30
N GLY C 8 9.56 42.43 16.60
CA GLY C 8 10.58 43.00 15.75
C GLY C 8 10.35 44.44 15.33
N GLY C 9 9.29 45.09 15.80
CA GLY C 9 9.02 46.46 15.41
C GLY C 9 9.90 47.44 16.16
N GLY C 10 9.68 48.72 15.85
CA GLY C 10 10.42 49.81 16.45
C GLY C 10 10.83 50.84 15.40
N LEU C 11 11.60 51.82 15.86
CA LEU C 11 12.04 52.90 14.97
C LEU C 11 13.20 52.41 14.10
N VAL C 12 13.07 52.65 12.79
CA VAL C 12 14.11 52.31 11.82
C VAL C 12 14.30 53.50 10.89
N GLN C 13 15.50 53.61 10.32
CA GLN C 13 15.81 54.70 9.40
C GLN C 13 15.81 54.20 7.96
N PRO C 14 15.56 55.07 6.98
CA PRO C 14 15.60 54.63 5.58
C PRO C 14 16.95 54.03 5.22
N GLY C 15 16.91 52.97 4.43
CA GLY C 15 18.12 52.27 4.02
C GLY C 15 18.64 51.26 5.01
N GLY C 16 18.01 51.13 6.17
CA GLY C 16 18.43 50.19 7.18
C GLY C 16 17.87 48.81 6.96
N SER C 17 18.08 47.94 7.95
CA SER C 17 17.62 46.57 7.91
C SER C 17 16.94 46.23 9.22
N ARG C 18 15.90 45.39 9.13
CA ARG C 18 15.17 44.94 10.30
C ARG C 18 14.66 43.53 10.04
N LYS C 19 14.45 42.78 11.13
CA LYS C 19 14.04 41.38 11.04
C LYS C 19 12.86 41.15 11.98
N LEU C 20 11.66 40.99 11.42
CA LEU C 20 10.51 40.62 12.21
C LEU C 20 10.54 39.13 12.56
N SER C 21 9.95 38.79 13.70
CA SER C 21 9.86 37.41 14.14
C SER C 21 8.46 37.17 14.69
N CYS C 22 7.98 35.94 14.50
CA CYS C 22 6.67 35.53 14.98
C CYS C 22 6.77 34.13 15.57
N SER C 23 6.14 33.94 16.72
CA SER C 23 6.14 32.66 17.42
C SER C 23 4.74 32.08 17.43
N ALA C 24 4.65 30.79 17.13
CA ALA C 24 3.37 30.09 17.06
C ALA C 24 3.35 28.93 18.05
N SER C 25 2.19 28.73 18.66
CA SER C 25 2.02 27.65 19.63
C SER C 25 0.56 27.24 19.65
N GLY C 26 0.31 26.03 20.15
CA GLY C 26 -1.04 25.51 20.26
C GLY C 26 -1.59 24.86 19.02
N PHE C 27 -0.78 24.72 17.96
CA PHE C 27 -1.23 24.07 16.75
C PHE C 27 -0.02 23.59 15.96
N ALA C 28 -0.28 22.71 14.99
CA ALA C 28 0.77 22.10 14.18
C ALA C 28 1.30 23.11 13.14
N PHE C 29 2.24 23.93 13.58
CA PHE C 29 2.81 24.99 12.75
C PHE C 29 3.39 24.44 11.47
N SER C 30 3.99 23.24 11.53
CA SER C 30 4.67 22.69 10.36
C SER C 30 3.71 22.46 9.19
N SER C 31 2.45 22.14 9.49
CA SER C 31 1.49 21.80 8.44
C SER C 31 0.73 23.00 7.91
N PHE C 32 0.94 24.20 8.46
CA PHE C 32 0.21 25.39 8.05
C PHE C 32 1.12 26.36 7.31
N GLY C 33 0.65 26.83 6.15
CA GLY C 33 1.37 27.85 5.42
C GLY C 33 1.19 29.22 6.07
N MET C 34 2.22 30.05 5.97
CA MET C 34 2.25 31.36 6.62
C MET C 34 2.20 32.46 5.58
N HIS C 35 1.47 33.52 5.88
CA HIS C 35 1.40 34.71 5.05
C HIS C 35 1.75 35.94 5.87
N TRP C 36 2.30 36.95 5.20
CA TRP C 36 2.58 38.24 5.81
C TRP C 36 1.69 39.29 5.16
N VAL C 37 0.89 39.98 5.98
CA VAL C 37 0.00 41.04 5.51
C VAL C 37 0.25 42.27 6.36
N ARG C 38 0.45 43.41 5.70
CA ARG C 38 0.73 44.67 6.37
C ARG C 38 -0.41 45.66 6.11
N GLN C 39 -0.71 46.46 7.14
CA GLN C 39 -1.76 47.46 7.07
C GLN C 39 -1.15 48.83 7.38
N ALA C 40 -1.31 49.77 6.47
CA ALA C 40 -0.84 51.12 6.71
C ALA C 40 -1.65 51.77 7.83
N PRO C 41 -1.09 52.78 8.51
CA PRO C 41 -1.77 53.34 9.68
C PRO C 41 -3.15 53.90 9.41
N GLU C 42 -3.45 54.34 8.18
CA GLU C 42 -4.75 54.92 7.88
C GLU C 42 -5.26 54.43 6.52
N LYS C 43 -4.93 53.20 6.14
CA LYS C 43 -5.39 52.63 4.88
C LYS C 43 -5.72 51.16 5.10
N GLY C 44 -5.98 50.45 4.01
CA GLY C 44 -6.45 49.08 4.07
C GLY C 44 -5.31 48.08 4.19
N LEU C 45 -5.65 46.83 3.87
CA LEU C 45 -4.73 45.70 3.99
C LEU C 45 -3.91 45.55 2.71
N GLU C 46 -2.68 45.04 2.86
CA GLU C 46 -1.79 44.79 1.74
C GLU C 46 -1.01 43.52 2.02
N TRP C 47 -1.17 42.52 1.14
CA TRP C 47 -0.41 41.28 1.29
C TRP C 47 1.05 41.52 0.96
N VAL C 48 1.94 40.85 1.69
CA VAL C 48 3.38 41.05 1.58
C VAL C 48 4.06 39.83 0.96
N ALA C 49 3.98 38.68 1.61
CA ALA C 49 4.68 37.49 1.15
C ALA C 49 3.97 36.25 1.67
N TYR C 50 4.32 35.11 1.07
CA TYR C 50 3.75 33.82 1.45
C TYR C 50 4.80 32.74 1.31
N ILE C 51 4.80 31.81 2.27
CA ILE C 51 5.68 30.65 2.24
C ILE C 51 4.84 29.41 2.54
N SER C 52 4.98 28.39 1.71
CA SER C 52 4.20 27.17 1.89
C SER C 52 4.83 26.29 2.97
N SER C 53 4.10 25.25 3.35
CA SER C 53 4.59 24.32 4.35
C SER C 53 5.80 23.57 3.81
N GLY C 54 6.82 23.39 4.66
CA GLY C 54 8.02 22.72 4.23
C GLY C 54 8.98 23.59 3.44
N SER C 55 8.67 24.87 3.28
CA SER C 55 9.50 25.84 2.57
C SER C 55 9.72 25.45 1.11
N GLY C 56 8.80 24.69 0.51
CA GLY C 56 8.95 24.27 -0.87
C GLY C 56 8.56 25.34 -1.88
N THR C 57 7.86 26.38 -1.44
CA THR C 57 7.41 27.44 -2.32
C THR C 57 7.42 28.76 -1.56
N ILE C 58 7.82 29.83 -2.25
CA ILE C 58 7.89 31.16 -1.68
C ILE C 58 7.46 32.17 -2.74
N TYR C 59 6.74 33.21 -2.31
CA TYR C 59 6.32 34.28 -3.21
C TYR C 59 6.51 35.62 -2.51
N TYR C 60 6.69 36.66 -3.33
CA TYR C 60 6.86 38.01 -2.83
C TYR C 60 6.06 38.98 -3.69
N ALA C 61 5.68 40.10 -3.11
CA ALA C 61 5.00 41.15 -3.85
C ALA C 61 6.01 42.02 -4.59
N ASP C 62 5.56 42.63 -5.68
CA ASP C 62 6.45 43.47 -6.48
C ASP C 62 6.97 44.65 -5.68
N THR C 63 6.13 45.23 -4.81
CA THR C 63 6.57 46.37 -4.01
C THR C 63 7.71 46.01 -3.07
N VAL C 64 7.84 44.74 -2.69
CA VAL C 64 8.90 44.31 -1.77
C VAL C 64 9.80 43.23 -2.35
N LYS C 65 9.60 42.78 -3.59
CA LYS C 65 10.42 41.72 -4.15
C LYS C 65 11.89 42.15 -4.15
N GLY C 66 12.76 41.24 -3.74
CA GLY C 66 14.18 41.49 -3.67
C GLY C 66 14.64 42.24 -2.44
N ARG C 67 13.76 43.01 -1.79
CA ARG C 67 14.15 43.77 -0.61
C ARG C 67 13.92 42.97 0.66
N PHE C 68 12.86 42.16 0.71
CA PHE C 68 12.51 41.38 1.88
C PHE C 68 12.83 39.91 1.65
N THR C 69 12.85 39.15 2.75
CA THR C 69 13.11 37.72 2.70
C THR C 69 12.29 37.03 3.79
N ILE C 70 11.74 35.87 3.46
CA ILE C 70 10.91 35.09 4.37
C ILE C 70 11.54 33.73 4.59
N SER C 71 11.53 33.26 5.84
CA SER C 71 12.10 31.98 6.19
C SER C 71 11.31 31.38 7.35
N ARG C 72 11.46 30.06 7.53
CA ARG C 72 10.77 29.32 8.57
C ARG C 72 11.75 28.51 9.40
N ASP C 73 11.41 28.31 10.67
CA ASP C 73 12.13 27.42 11.58
C ASP C 73 11.09 26.54 12.26
N ASP C 74 10.75 25.43 11.60
CA ASP C 74 9.68 24.59 12.10
C ASP C 74 9.96 24.03 13.49
N PRO C 75 11.14 23.47 13.78
CA PRO C 75 11.41 23.03 15.14
C PRO C 75 10.90 23.96 16.22
N LYS C 76 11.09 25.28 16.06
CA LYS C 76 10.71 26.25 17.09
C LYS C 76 9.36 26.90 16.81
N ASN C 77 8.67 26.49 15.76
CA ASN C 77 7.38 27.07 15.39
C ASN C 77 7.50 28.58 15.28
N THR C 78 8.56 29.05 14.62
CA THR C 78 8.86 30.46 14.51
C THR C 78 8.95 30.85 13.04
N LEU C 79 8.55 32.08 12.75
CA LEU C 79 8.58 32.63 11.40
C LEU C 79 9.35 33.94 11.41
N PHE C 80 10.08 34.20 10.33
CA PHE C 80 10.92 35.37 10.20
C PHE C 80 10.62 36.10 8.89
N LEU C 81 10.86 37.41 8.90
CA LEU C 81 10.71 38.25 7.70
C LEU C 81 11.84 39.27 7.70
N GLN C 82 12.94 38.94 7.02
CA GLN C 82 14.06 39.87 6.91
C GLN C 82 13.71 41.00 5.95
N MET C 83 14.15 42.21 6.30
CA MET C 83 13.93 43.39 5.47
C MET C 83 15.23 44.12 5.25
N THR C 84 15.38 44.71 4.07
CA THR C 84 16.55 45.52 3.74
C THR C 84 16.12 46.69 2.87
N SER C 85 16.87 47.79 2.97
CA SER C 85 16.59 49.00 2.20
C SER C 85 15.14 49.45 2.40
N LEU C 86 14.76 49.62 3.66
CA LEU C 86 13.39 50.02 3.99
C LEU C 86 13.07 51.37 3.36
N ARG C 87 11.88 51.47 2.78
CA ARG C 87 11.42 52.70 2.14
C ARG C 87 10.38 53.39 3.02
N SER C 88 10.03 54.62 2.62
CA SER C 88 9.05 55.40 3.37
C SER C 88 7.67 54.74 3.38
N GLU C 89 7.33 53.98 2.34
CA GLU C 89 6.02 53.35 2.28
C GLU C 89 5.95 52.04 3.05
N ASP C 90 7.08 51.56 3.58
CA ASP C 90 7.09 50.31 4.33
C ASP C 90 6.49 50.45 5.73
N THR C 91 6.20 51.67 6.18
CA THR C 91 5.57 51.86 7.48
C THR C 91 4.15 51.31 7.45
N ALA C 92 3.88 50.34 8.31
CA ALA C 92 2.59 49.67 8.35
C ALA C 92 2.60 48.67 9.49
N MET C 93 1.41 48.24 9.90
CA MET C 93 1.27 47.20 10.90
C MET C 93 1.24 45.83 10.21
N TYR C 94 2.17 44.96 10.58
CA TYR C 94 2.37 43.68 9.93
C TYR C 94 1.66 42.59 10.73
N TYR C 95 0.88 41.76 10.05
CA TYR C 95 0.12 40.68 10.66
C TYR C 95 0.58 39.34 10.11
N CYS C 96 0.65 38.34 11.00
CA CYS C 96 0.92 36.97 10.61
C CYS C 96 -0.38 36.21 10.48
N VAL C 97 -0.54 35.47 9.38
CA VAL C 97 -1.77 34.80 9.04
C VAL C 97 -1.51 33.31 8.90
N ARG C 98 -2.39 32.50 9.49
CA ARG C 98 -2.32 31.05 9.38
C ARG C 98 -3.17 30.57 8.21
N SER C 99 -2.69 29.57 7.50
CA SER C 99 -3.39 29.06 6.34
C SER C 99 -3.02 27.60 6.09
N ILE C 100 -3.94 26.87 5.50
CA ILE C 100 -3.72 25.47 5.10
C ILE C 100 -4.56 25.20 3.87
N TYR C 101 -4.04 24.38 2.97
CA TYR C 101 -4.66 24.13 1.67
C TYR C 101 -4.92 22.63 1.50
N TYR C 102 -6.18 22.25 1.59
CA TYR C 102 -6.62 20.91 1.20
C TYR C 102 -8.12 20.98 0.95
N TYR C 103 -8.63 19.95 0.28
CA TYR C 103 -10.04 19.92 -0.08
C TYR C 103 -10.92 20.12 1.15
N GLY C 104 -11.74 21.17 1.12
CA GLY C 104 -12.60 21.52 2.22
C GLY C 104 -11.96 22.39 3.29
N SER C 105 -10.69 22.76 3.13
CA SER C 105 -10.02 23.58 4.11
C SER C 105 -10.52 25.02 4.05
N SER C 106 -10.16 25.78 5.09
CA SER C 106 -10.53 27.20 5.20
C SER C 106 -9.29 28.04 5.36
N PRO C 107 -8.65 28.47 4.27
CA PRO C 107 -7.43 29.28 4.40
C PRO C 107 -7.72 30.63 5.04
N PHE C 108 -6.67 31.21 5.64
CA PHE C 108 -6.73 32.51 6.29
C PHE C 108 -7.73 32.54 7.44
N ASP C 109 -7.85 31.43 8.18
CA ASP C 109 -8.84 31.34 9.25
C ASP C 109 -8.37 32.00 10.55
N PHE C 110 -7.09 32.31 10.69
CA PHE C 110 -6.57 32.92 11.91
C PHE C 110 -5.61 34.03 11.56
N TRP C 111 -5.63 35.10 12.37
CA TRP C 111 -4.76 36.25 12.18
C TRP C 111 -4.08 36.58 13.51
N GLY C 112 -2.83 37.02 13.44
CA GLY C 112 -2.09 37.40 14.62
C GLY C 112 -2.43 38.81 15.08
N GLN C 113 -1.88 39.16 16.24
CA GLN C 113 -2.09 40.50 16.80
C GLN C 113 -1.36 41.59 16.01
N GLY C 114 -0.17 41.28 15.49
CA GLY C 114 0.56 42.21 14.66
C GLY C 114 1.50 43.10 15.44
N THR C 115 2.41 43.74 14.71
CA THR C 115 3.40 44.64 15.27
C THR C 115 3.48 45.89 14.43
N THR C 116 3.98 46.97 15.03
CA THR C 116 4.06 48.28 14.39
C THR C 116 5.49 48.56 13.94
N LEU C 117 5.64 48.98 12.69
CA LEU C 117 6.92 49.39 12.13
C LEU C 117 6.82 50.85 11.72
N THR C 118 7.77 51.66 12.17
CA THR C 118 7.80 53.10 11.91
C THR C 118 9.14 53.47 11.29
N VAL C 119 9.10 54.21 10.20
CA VAL C 119 10.30 54.70 9.53
C VAL C 119 10.15 56.19 9.28
N SER C 120 11.19 56.95 9.61
CA SER C 120 11.18 58.39 9.44
C SER C 120 11.45 58.75 7.98
N SER C 121 11.17 60.01 7.65
CA SER C 121 11.38 60.52 6.30
C SER C 121 11.24 62.04 6.27
N SER C 136 -1.80 43.92 -14.66
CA SER C 136 -2.39 42.60 -14.94
C SER C 136 -2.99 41.99 -13.68
N ASP C 137 -2.63 42.54 -12.52
CA ASP C 137 -3.15 42.04 -11.25
C ASP C 137 -4.65 42.30 -11.16
N ILE C 138 -5.34 41.42 -10.43
CA ILE C 138 -6.78 41.57 -10.25
C ILE C 138 -7.05 42.70 -9.27
N VAL C 139 -7.94 43.60 -9.63
CA VAL C 139 -8.27 44.77 -8.83
C VAL C 139 -9.62 44.53 -8.15
N MET C 140 -9.67 44.73 -6.84
CA MET C 140 -10.90 44.58 -6.07
C MET C 140 -11.48 45.96 -5.79
N THR C 141 -12.74 46.16 -6.15
CA THR C 141 -13.40 47.46 -6.04
C THR C 141 -14.61 47.32 -5.12
N GLN C 142 -14.68 48.20 -4.12
CA GLN C 142 -15.84 48.32 -3.25
C GLN C 142 -16.45 49.69 -3.47
N ALA C 143 -17.71 49.72 -3.91
CA ALA C 143 -18.34 50.97 -4.31
C ALA C 143 -18.56 51.90 -3.12
N THR C 144 -18.94 51.36 -1.97
CA THR C 144 -19.34 52.16 -0.81
C THR C 144 -18.23 52.15 0.22
N SER C 145 -17.88 53.34 0.72
CA SER C 145 -16.84 53.45 1.75
C SER C 145 -17.43 53.36 3.15
N SER C 146 -18.54 54.05 3.39
CA SER C 146 -19.18 54.04 4.71
C SER C 146 -20.67 53.79 4.54
N VAL C 147 -21.27 53.11 5.51
CA VAL C 147 -22.68 52.78 5.49
C VAL C 147 -23.24 52.99 6.89
N PRO C 148 -24.12 53.97 7.11
CA PRO C 148 -24.76 54.09 8.43
C PRO C 148 -25.70 52.91 8.68
N VAL C 149 -25.65 52.37 9.89
CA VAL C 149 -26.43 51.20 10.27
C VAL C 149 -26.96 51.39 11.68
N THR C 150 -28.04 50.68 11.99
CA THR C 150 -28.65 50.69 13.31
C THR C 150 -28.98 49.26 13.71
N PRO C 151 -29.05 48.97 15.00
CA PRO C 151 -29.35 47.59 15.43
C PRO C 151 -30.70 47.13 14.89
N GLY C 152 -30.76 45.84 14.52
CA GLY C 152 -31.97 45.23 14.05
C GLY C 152 -32.22 45.35 12.56
N GLU C 153 -31.43 46.14 11.85
CA GLU C 153 -31.63 46.32 10.42
C GLU C 153 -30.79 45.32 9.63
N SER C 154 -31.23 45.03 8.40
CA SER C 154 -30.52 44.16 7.49
C SER C 154 -29.68 45.01 6.53
N VAL C 155 -28.40 44.65 6.40
CA VAL C 155 -27.45 45.43 5.62
C VAL C 155 -26.81 44.52 4.58
N SER C 156 -26.51 45.09 3.42
CA SER C 156 -25.88 44.38 2.32
C SER C 156 -24.67 45.16 1.85
N ILE C 157 -23.59 44.43 1.56
CA ILE C 157 -22.35 45.01 1.07
C ILE C 157 -22.05 44.40 -0.29
N SER C 158 -21.68 45.24 -1.26
CA SER C 158 -21.46 44.83 -2.63
C SER C 158 -19.97 44.81 -2.95
N CYS C 159 -19.58 43.89 -3.82
CA CYS C 159 -18.20 43.77 -4.25
C CYS C 159 -18.17 43.45 -5.74
N ARG C 160 -17.06 43.81 -6.38
CA ARG C 160 -16.89 43.55 -7.81
C ARG C 160 -15.41 43.29 -8.08
N SER C 161 -15.14 42.59 -9.18
CA SER C 161 -13.80 42.22 -9.57
C SER C 161 -13.57 42.53 -11.04
N SER C 162 -12.33 42.89 -11.38
CA SER C 162 -11.97 43.14 -12.77
C SER C 162 -11.81 41.86 -13.56
N LYS C 163 -11.70 40.71 -12.91
CA LYS C 163 -11.56 39.43 -13.57
C LYS C 163 -12.51 38.43 -12.93
N SER C 164 -12.96 37.46 -13.72
CA SER C 164 -13.87 36.44 -13.22
C SER C 164 -13.15 35.49 -12.29
N LEU C 165 -13.73 35.27 -11.11
CA LEU C 165 -13.16 34.39 -10.10
C LEU C 165 -13.69 32.97 -10.18
N LEU C 166 -14.65 32.69 -11.06
CA LEU C 166 -15.22 31.36 -11.20
C LEU C 166 -14.29 30.51 -12.06
N HIS C 167 -13.49 29.66 -11.42
CA HIS C 167 -12.56 28.80 -12.13
C HIS C 167 -13.29 27.63 -12.77
N SER C 168 -12.60 26.96 -13.70
CA SER C 168 -13.20 25.83 -14.40
C SER C 168 -13.63 24.73 -13.43
N ASN C 169 -12.89 24.54 -12.34
CA ASN C 169 -13.25 23.50 -11.38
C ASN C 169 -14.53 23.83 -10.61
N GLY C 170 -15.03 25.06 -10.72
CA GLY C 170 -16.25 25.46 -10.05
C GLY C 170 -16.05 26.26 -8.79
N ASN C 171 -14.83 26.40 -8.31
CA ASN C 171 -14.59 27.15 -7.08
C ASN C 171 -14.51 28.64 -7.38
N THR C 172 -15.17 29.44 -6.53
CA THR C 172 -15.14 30.89 -6.61
C THR C 172 -14.30 31.40 -5.44
N TYR C 173 -13.08 31.87 -5.75
CA TYR C 173 -12.13 32.24 -4.72
C TYR C 173 -12.35 33.65 -4.21
N LEU C 174 -13.39 33.83 -3.39
CA LEU C 174 -13.66 35.10 -2.73
C LEU C 174 -13.59 34.89 -1.23
N TYR C 175 -12.95 35.82 -0.53
CA TYR C 175 -12.84 35.78 0.92
C TYR C 175 -13.34 37.09 1.51
N TRP C 176 -14.04 36.99 2.64
CA TRP C 176 -14.58 38.13 3.36
C TRP C 176 -13.98 38.17 4.75
N PHE C 177 -13.53 39.35 5.17
CA PHE C 177 -12.91 39.54 6.47
C PHE C 177 -13.54 40.74 7.17
N LEU C 178 -13.61 40.64 8.50
CA LEU C 178 -14.16 41.69 9.34
C LEU C 178 -13.07 42.13 10.32
N GLN C 179 -12.80 43.43 10.36
CA GLN C 179 -11.79 44.01 11.26
C GLN C 179 -12.50 44.98 12.20
N ARG C 180 -12.81 44.50 13.40
CA ARG C 180 -13.41 45.36 14.40
C ARG C 180 -12.38 46.41 14.85
N PRO C 181 -12.84 47.58 15.31
CA PRO C 181 -11.89 48.61 15.73
C PRO C 181 -10.98 48.11 16.85
N GLY C 182 -9.68 48.29 16.66
CA GLY C 182 -8.70 47.86 17.64
C GLY C 182 -8.38 46.38 17.60
N GLN C 183 -8.95 45.63 16.65
CA GLN C 183 -8.75 44.19 16.55
C GLN C 183 -8.24 43.83 15.16
N SER C 184 -7.57 42.68 15.09
CA SER C 184 -7.04 42.21 13.83
C SER C 184 -8.14 41.58 12.97
N PRO C 185 -7.95 41.51 11.66
CA PRO C 185 -8.98 40.91 10.80
C PRO C 185 -9.23 39.45 11.17
N GLN C 186 -10.49 39.06 11.03
CA GLN C 186 -10.92 37.69 11.29
C GLN C 186 -11.73 37.18 10.11
N LEU C 187 -11.51 35.93 9.75
CA LEU C 187 -12.19 35.34 8.61
C LEU C 187 -13.69 35.30 8.84
N LEU C 188 -14.45 35.67 7.82
CA LEU C 188 -15.92 35.65 7.87
C LEU C 188 -16.52 34.62 6.92
N ILE C 189 -16.19 34.71 5.62
CA ILE C 189 -16.68 33.77 4.62
C ILE C 189 -15.53 33.46 3.68
N TYR C 190 -15.39 32.18 3.31
CA TYR C 190 -14.38 31.74 2.37
C TYR C 190 -15.04 31.01 1.21
N ARG C 191 -14.52 31.26 0.01
CA ARG C 191 -15.04 30.70 -1.24
C ARG C 191 -16.49 31.14 -1.48
N MET C 192 -16.83 32.28 -0.88
CA MET C 192 -18.04 33.03 -1.24
C MET C 192 -19.32 32.36 -0.74
N SER C 193 -19.22 31.16 -0.16
CA SER C 193 -20.41 30.46 0.30
C SER C 193 -20.22 29.70 1.60
N ASN C 194 -19.02 29.68 2.19
CA ASN C 194 -18.75 28.89 3.38
C ASN C 194 -18.49 29.80 4.56
N LEU C 195 -19.27 29.63 5.63
CA LEU C 195 -19.06 30.41 6.85
C LEU C 195 -17.95 29.79 7.68
N ALA C 196 -17.05 30.63 8.16
CA ALA C 196 -15.96 30.15 9.00
C ALA C 196 -16.49 29.65 10.34
N SER C 197 -15.77 28.72 10.94
CA SER C 197 -16.20 28.14 12.21
C SER C 197 -16.31 29.23 13.27
N GLY C 198 -17.41 29.21 14.02
CA GLY C 198 -17.67 30.20 15.05
C GLY C 198 -18.35 31.46 14.55
N VAL C 199 -18.54 31.61 13.25
CA VAL C 199 -19.21 32.80 12.70
C VAL C 199 -20.71 32.64 12.90
N PRO C 200 -21.41 33.65 13.43
CA PRO C 200 -22.87 33.52 13.58
C PRO C 200 -23.54 33.30 12.23
N ASP C 201 -24.66 32.57 12.27
CA ASP C 201 -25.41 32.23 11.07
C ASP C 201 -25.94 33.46 10.35
N ARG C 202 -26.04 34.60 11.05
CA ARG C 202 -26.61 35.80 10.43
C ARG C 202 -25.86 36.19 9.16
N PHE C 203 -24.55 36.11 9.17
CA PHE C 203 -23.76 36.47 8.00
C PHE C 203 -24.02 35.49 6.86
N SER C 204 -24.10 36.03 5.63
CA SER C 204 -24.32 35.22 4.45
C SER C 204 -23.70 35.93 3.26
N GLY C 205 -23.18 35.13 2.32
CA GLY C 205 -22.55 35.68 1.13
C GLY C 205 -22.95 34.95 -0.14
N SER C 206 -23.16 35.70 -1.21
CA SER C 206 -23.54 35.12 -2.49
C SER C 206 -23.03 36.02 -3.61
N GLY C 207 -22.88 35.44 -4.79
CA GLY C 207 -22.43 36.19 -5.94
C GLY C 207 -22.22 35.27 -7.13
N SER C 208 -21.82 35.88 -8.24
CA SER C 208 -21.58 35.14 -9.47
C SER C 208 -20.73 35.98 -10.41
N GLY C 209 -19.90 35.29 -11.19
CA GLY C 209 -19.07 35.97 -12.17
C GLY C 209 -18.11 36.96 -11.55
N THR C 210 -18.27 38.24 -11.88
CA THR C 210 -17.41 39.30 -11.36
C THR C 210 -18.05 40.12 -10.27
N ALA C 211 -19.33 39.91 -9.96
CA ALA C 211 -20.03 40.68 -8.95
C ALA C 211 -20.36 39.79 -7.76
N PHE C 212 -20.11 40.29 -6.56
CA PHE C 212 -20.35 39.54 -5.34
C PHE C 212 -20.90 40.48 -4.28
N THR C 213 -21.61 39.90 -3.31
CA THR C 213 -22.26 40.67 -2.26
C THR C 213 -22.17 39.93 -0.93
N LEU C 214 -22.27 40.68 0.15
CA LEU C 214 -22.32 40.15 1.51
C LEU C 214 -23.52 40.76 2.21
N THR C 215 -24.31 39.92 2.88
CA THR C 215 -25.54 40.35 3.55
C THR C 215 -25.51 39.96 5.01
N ILE C 216 -25.98 40.86 5.87
CA ILE C 216 -26.06 40.65 7.31
C ILE C 216 -27.52 40.80 7.73
N SER C 217 -28.03 39.83 8.47
CA SER C 217 -29.40 39.86 8.97
C SER C 217 -29.41 40.18 10.46
N ARG C 218 -30.27 41.11 10.85
CA ARG C 218 -30.40 41.54 12.24
C ARG C 218 -29.04 42.01 12.79
N LEU C 219 -28.55 43.09 12.17
CA LEU C 219 -27.26 43.65 12.55
C LEU C 219 -27.28 44.09 14.01
N GLU C 220 -26.14 43.94 14.67
CA GLU C 220 -25.99 44.30 16.07
C GLU C 220 -24.70 45.09 16.25
N ALA C 221 -24.54 45.69 17.43
CA ALA C 221 -23.35 46.49 17.70
C ALA C 221 -22.07 45.69 17.58
N GLU C 222 -22.11 44.38 17.80
CA GLU C 222 -20.92 43.55 17.69
C GLU C 222 -20.39 43.50 16.27
N ASP C 223 -21.21 43.85 15.27
CA ASP C 223 -20.81 43.78 13.88
C ASP C 223 -20.10 45.04 13.40
N VAL C 224 -19.93 46.04 14.27
CA VAL C 224 -19.27 47.28 13.87
C VAL C 224 -17.83 46.97 13.49
N GLY C 225 -17.39 47.56 12.39
CA GLY C 225 -16.04 47.35 11.91
C GLY C 225 -15.95 47.60 10.42
N VAL C 226 -14.81 47.26 9.85
CA VAL C 226 -14.54 47.44 8.43
C VAL C 226 -14.49 46.06 7.77
N TYR C 227 -15.21 45.90 6.68
CA TYR C 227 -15.29 44.62 5.96
C TYR C 227 -14.38 44.69 4.75
N TYR C 228 -13.47 43.73 4.63
CA TYR C 228 -12.52 43.65 3.53
C TYR C 228 -12.78 42.40 2.70
N CYS C 229 -12.70 42.55 1.38
CA CYS C 229 -12.79 41.43 0.46
C CYS C 229 -11.42 41.10 -0.11
N MET C 230 -11.23 39.82 -0.45
CA MET C 230 -9.96 39.33 -0.96
C MET C 230 -10.22 38.29 -2.03
N GLN C 231 -9.25 38.12 -2.91
CA GLN C 231 -9.32 37.13 -3.99
C GLN C 231 -8.11 36.20 -3.89
N HIS C 232 -8.35 34.91 -4.09
CA HIS C 232 -7.31 33.90 -4.00
C HIS C 232 -7.21 33.11 -5.31
N LEU C 233 -7.75 33.64 -6.40
CA LEU C 233 -7.68 32.95 -7.68
C LEU C 233 -6.23 32.79 -8.13
N GLU C 234 -5.43 33.84 -8.00
CA GLU C 234 -4.03 33.79 -8.40
C GLU C 234 -3.28 34.89 -7.66
N TYR C 235 -1.95 34.72 -7.58
CA TYR C 235 -1.12 35.71 -6.93
C TYR C 235 -0.84 36.88 -7.87
N PRO C 236 -0.55 38.07 -7.32
CA PRO C 236 -0.52 38.39 -5.89
C PRO C 236 -1.92 38.58 -5.31
N LEU C 237 -2.07 38.31 -4.01
CA LEU C 237 -3.35 38.52 -3.34
C LEU C 237 -3.62 40.00 -3.19
N THR C 238 -4.85 40.42 -3.53
CA THR C 238 -5.24 41.82 -3.51
C THR C 238 -6.46 41.99 -2.62
N PHE C 239 -6.40 42.98 -1.72
CA PHE C 239 -7.52 43.30 -0.85
C PHE C 239 -8.32 44.46 -1.42
N GLY C 240 -9.59 44.55 -1.01
CA GLY C 240 -10.44 45.63 -1.44
C GLY C 240 -10.20 46.89 -0.65
N ALA C 241 -10.89 47.96 -1.08
CA ALA C 241 -10.76 49.24 -0.40
C ALA C 241 -11.34 49.22 1.00
N GLY C 242 -12.29 48.33 1.28
CA GLY C 242 -12.88 48.24 2.60
C GLY C 242 -14.08 49.16 2.77
N THR C 243 -15.11 48.68 3.46
CA THR C 243 -16.32 49.45 3.71
C THR C 243 -16.52 49.55 5.21
N LYS C 244 -16.72 50.77 5.71
CA LYS C 244 -16.92 51.01 7.13
C LYS C 244 -18.39 50.98 7.48
N LEU C 245 -18.71 50.38 8.61
CA LEU C 245 -20.07 50.34 9.14
C LEU C 245 -20.10 50.98 10.52
N GLU C 246 -21.09 51.84 10.74
CA GLU C 246 -21.22 52.54 12.02
C GLU C 246 -22.68 52.93 12.29
N GLN D 17 -35.87 -17.75 21.18
CA GLN D 17 -36.03 -16.71 20.17
C GLN D 17 -36.90 -17.20 19.01
N LEU D 18 -36.96 -18.52 18.84
CA LEU D 18 -37.76 -19.09 17.76
C LEU D 18 -39.24 -18.74 17.93
N LYS D 19 -39.68 -18.48 19.17
CA LYS D 19 -41.09 -18.15 19.40
C LYS D 19 -41.48 -16.85 18.69
N MET D 20 -40.62 -15.84 18.73
CA MET D 20 -40.91 -14.55 18.11
C MET D 20 -40.90 -14.62 16.59
N GLU D 21 -40.02 -15.44 16.01
CA GLU D 21 -39.93 -15.55 14.56
C GLU D 21 -41.12 -16.30 13.98
N ALA D 22 -41.80 -17.12 14.79
CA ALA D 22 -42.88 -17.96 14.30
C ALA D 22 -44.24 -17.27 14.33
N ASN D 23 -44.32 -16.02 14.79
CA ASN D 23 -45.59 -15.32 14.90
C ASN D 23 -45.49 -13.95 14.20
N ILE D 24 -44.96 -13.97 12.98
CA ILE D 24 -44.82 -12.77 12.17
C ILE D 24 -45.69 -12.93 10.92
N ASP D 25 -46.23 -11.81 10.46
CA ASP D 25 -47.15 -11.81 9.31
C ASP D 25 -46.33 -11.78 8.02
N ARG D 26 -45.92 -12.96 7.58
CA ARG D 26 -45.19 -13.08 6.33
C ARG D 26 -46.13 -12.80 5.15
N ILE D 27 -45.55 -12.25 4.08
CA ILE D 27 -46.31 -11.86 2.91
C ILE D 27 -45.98 -12.80 1.75
N LYS D 28 -46.78 -12.69 0.69
CA LYS D 28 -46.59 -13.55 -0.48
C LYS D 28 -45.26 -13.24 -1.16
N VAL D 29 -44.61 -14.29 -1.67
CA VAL D 29 -43.35 -14.10 -2.37
C VAL D 29 -43.56 -13.36 -3.67
N SER D 30 -44.66 -13.64 -4.38
CA SER D 30 -44.91 -12.99 -5.66
C SER D 30 -45.09 -11.49 -5.49
N LYS D 31 -45.80 -11.07 -4.43
CA LYS D 31 -45.98 -9.65 -4.19
C LYS D 31 -44.65 -8.95 -3.91
N ALA D 32 -43.78 -9.59 -3.12
CA ALA D 32 -42.47 -9.02 -2.87
C ALA D 32 -41.66 -8.92 -4.15
N ALA D 33 -41.73 -9.95 -5.00
CA ALA D 33 -41.04 -9.92 -6.28
C ALA D 33 -41.53 -8.75 -7.13
N ALA D 34 -42.85 -8.58 -7.20
CA ALA D 34 -43.41 -7.48 -7.98
C ALA D 34 -42.98 -6.13 -7.42
N ASP D 35 -42.97 -5.99 -6.10
CA ASP D 35 -42.56 -4.72 -5.49
C ASP D 35 -41.09 -4.43 -5.81
N LEU D 36 -40.23 -5.45 -5.71
CA LEU D 36 -38.81 -5.25 -6.03
C LEU D 36 -38.64 -4.86 -7.50
N MET D 37 -39.36 -5.52 -8.41
CA MET D 37 -39.24 -5.18 -9.82
C MET D 37 -39.72 -3.77 -10.08
N ALA D 38 -40.82 -3.37 -9.44
CA ALA D 38 -41.33 -2.01 -9.63
C ALA D 38 -40.35 -0.98 -9.11
N TYR D 39 -39.76 -1.23 -7.95
CA TYR D 39 -38.77 -0.29 -7.41
C TYR D 39 -37.57 -0.19 -8.34
N CYS D 40 -37.10 -1.33 -8.84
CA CYS D 40 -35.96 -1.30 -9.76
C CYS D 40 -36.28 -0.53 -11.03
N GLU D 41 -37.47 -0.76 -11.59
CA GLU D 41 -37.86 -0.10 -12.83
C GLU D 41 -38.01 1.40 -12.63
N ALA D 42 -38.56 1.80 -11.49
CA ALA D 42 -38.78 3.23 -11.24
C ALA D 42 -37.48 4.01 -11.26
N HIS D 43 -36.42 3.47 -10.65
CA HIS D 43 -35.12 4.12 -10.59
C HIS D 43 -34.17 3.61 -11.66
N ALA D 44 -34.68 3.11 -12.79
CA ALA D 44 -33.81 2.59 -13.84
C ALA D 44 -32.91 3.67 -14.41
N LYS D 45 -33.41 4.91 -14.49
CA LYS D 45 -32.64 6.02 -15.05
C LYS D 45 -31.68 6.64 -14.06
N GLU D 46 -31.67 6.18 -12.80
CA GLU D 46 -30.82 6.74 -11.77
C GLU D 46 -29.47 6.04 -11.67
N ASP D 47 -29.16 5.10 -12.56
CA ASP D 47 -27.93 4.33 -12.49
C ASP D 47 -27.00 4.73 -13.63
N PRO D 48 -26.00 5.56 -13.40
CA PRO D 48 -24.98 5.78 -14.44
C PRO D 48 -24.25 4.52 -14.83
N LEU D 49 -24.03 3.60 -13.89
CA LEU D 49 -23.35 2.35 -14.22
C LEU D 49 -24.16 1.52 -15.20
N LEU D 50 -25.47 1.43 -15.00
CA LEU D 50 -26.34 0.69 -15.92
C LEU D 50 -26.39 1.35 -17.30
N THR D 51 -26.62 2.65 -17.34
CA THR D 51 -26.64 3.42 -18.58
C THR D 51 -25.44 4.36 -18.59
N PRO D 52 -24.39 4.10 -19.39
CA PRO D 52 -23.20 4.96 -19.33
C PRO D 52 -23.52 6.41 -19.64
N VAL D 53 -23.31 7.28 -18.65
CA VAL D 53 -23.55 8.71 -18.84
C VAL D 53 -22.61 9.25 -19.90
N PRO D 54 -23.04 10.18 -20.76
CA PRO D 54 -22.12 10.71 -21.78
C PRO D 54 -20.90 11.35 -21.15
N ALA D 55 -19.77 11.22 -21.86
CA ALA D 55 -18.50 11.73 -21.34
C ALA D 55 -18.52 13.24 -21.13
N SER D 56 -19.45 13.95 -21.76
CA SER D 56 -19.49 15.40 -21.64
C SER D 56 -19.74 15.84 -20.20
N GLU D 57 -20.68 15.19 -19.50
CA GLU D 57 -21.03 15.57 -18.15
C GLU D 57 -20.46 14.62 -17.10
N ASN D 58 -19.69 13.61 -17.49
CA ASN D 58 -19.10 12.68 -16.54
C ASN D 58 -17.96 13.37 -15.80
N PRO D 59 -17.97 13.40 -14.46
CA PRO D 59 -16.92 14.15 -13.74
C PRO D 59 -15.54 13.51 -13.80
N PHE D 60 -15.44 12.21 -14.07
CA PHE D 60 -14.16 11.53 -14.04
C PHE D 60 -13.39 11.64 -15.37
N ARG D 61 -14.08 11.78 -16.49
CA ARG D 61 -13.42 11.97 -17.77
C ARG D 61 -12.51 13.20 -17.72
N TYR E 157 26.82 -19.93 -50.90
CA TYR E 157 27.63 -19.57 -49.73
C TYR E 157 27.07 -18.35 -49.02
N GLN E 158 26.93 -17.25 -49.77
CA GLN E 158 26.47 -16.00 -49.17
C GLN E 158 25.07 -16.14 -48.59
N VAL E 159 24.17 -16.80 -49.33
CA VAL E 159 22.77 -16.85 -48.92
C VAL E 159 22.63 -17.65 -47.62
N ILE E 160 23.27 -18.82 -47.55
CA ILE E 160 23.10 -19.68 -46.38
C ILE E 160 23.66 -19.02 -45.14
N THR E 161 24.88 -18.51 -45.20
CA THR E 161 25.48 -17.83 -44.06
C THR E 161 24.73 -16.57 -43.67
N SER E 162 24.23 -15.80 -44.65
CA SER E 162 23.44 -14.62 -44.34
C SER E 162 22.16 -15.01 -43.60
N LEU E 163 21.48 -16.07 -44.04
CA LEU E 163 20.29 -16.52 -43.34
C LEU E 163 20.61 -16.98 -41.93
N LEU E 164 21.71 -17.72 -41.77
CA LEU E 164 22.10 -18.18 -40.44
C LEU E 164 22.37 -17.00 -39.50
N LEU E 165 23.13 -16.02 -39.99
CA LEU E 165 23.45 -14.85 -39.17
C LEU E 165 22.20 -14.05 -38.85
N GLY E 166 21.30 -13.90 -39.82
CA GLY E 166 20.06 -13.18 -39.56
C GLY E 166 19.20 -13.88 -38.51
N THR E 167 19.10 -15.22 -38.59
CA THR E 167 18.36 -15.95 -37.58
C THR E 167 19.00 -15.80 -36.20
N LEU E 168 20.32 -15.88 -36.14
CA LEU E 168 21.00 -15.70 -34.86
C LEU E 168 20.73 -14.32 -34.28
N ILE E 169 20.81 -13.29 -35.12
CA ILE E 169 20.58 -11.92 -34.65
C ILE E 169 19.15 -11.75 -34.18
N PHE E 170 18.19 -12.31 -34.93
CA PHE E 170 16.79 -12.21 -34.54
C PHE E 170 16.56 -12.89 -33.19
N CYS E 171 17.12 -14.09 -33.01
CA CYS E 171 16.94 -14.79 -31.75
C CYS E 171 17.57 -14.01 -30.60
N ALA E 172 18.78 -13.47 -30.81
CA ALA E 172 19.43 -12.70 -29.76
C ALA E 172 18.63 -11.46 -29.40
N VAL E 173 18.08 -10.76 -30.39
CA VAL E 173 17.28 -9.58 -30.12
C VAL E 173 16.03 -9.96 -29.35
N LEU E 174 15.33 -11.01 -29.79
CA LEU E 174 14.07 -11.39 -29.16
C LEU E 174 14.28 -11.84 -27.73
N GLY E 175 15.34 -12.60 -27.47
CA GLY E 175 15.57 -13.09 -26.12
C GLY E 175 15.72 -11.96 -25.12
N ASN E 176 16.48 -10.94 -25.48
CA ASN E 176 16.68 -9.82 -24.57
C ASN E 176 15.44 -8.92 -24.51
N ALA E 177 14.76 -8.74 -25.64
CA ALA E 177 13.57 -7.90 -25.65
C ALA E 177 12.48 -8.47 -24.76
N CYS E 178 12.27 -9.79 -24.82
CA CYS E 178 11.26 -10.41 -23.97
C CYS E 178 11.61 -10.26 -22.50
N VAL E 179 12.88 -10.44 -22.13
CA VAL E 179 13.28 -10.30 -20.74
C VAL E 179 13.05 -8.87 -20.27
N VAL E 180 13.44 -7.88 -21.09
CA VAL E 180 13.26 -6.49 -20.70
C VAL E 180 11.77 -6.18 -20.54
N ALA E 181 10.95 -6.65 -21.48
CA ALA E 181 9.50 -6.39 -21.39
C ALA E 181 8.91 -7.02 -20.14
N ALA E 182 9.34 -8.25 -19.82
CA ALA E 182 8.82 -8.91 -18.62
C ALA E 182 9.23 -8.17 -17.36
N ILE E 183 10.49 -7.71 -17.30
CA ILE E 183 10.95 -6.99 -16.12
C ILE E 183 10.20 -5.67 -15.98
N ALA E 184 9.96 -4.97 -17.09
CA ALA E 184 9.30 -3.67 -17.02
C ALA E 184 7.81 -3.78 -16.75
N LEU E 185 7.16 -4.85 -17.22
CA LEU E 185 5.71 -4.98 -17.09
C LEU E 185 5.31 -5.48 -15.71
N GLU E 186 5.76 -6.67 -15.34
CA GLU E 186 5.38 -7.24 -14.06
C GLU E 186 5.97 -6.42 -12.91
N ARG E 187 5.30 -6.51 -11.75
CA ARG E 187 5.67 -5.72 -10.59
C ARG E 187 6.32 -6.53 -9.48
N SER E 188 6.16 -7.85 -9.46
CA SER E 188 6.83 -8.68 -8.47
C SER E 188 8.30 -8.91 -8.80
N LEU E 189 8.71 -8.65 -10.04
CA LEU E 189 10.10 -8.87 -10.43
C LEU E 189 11.00 -7.68 -10.08
N GLN E 190 10.44 -6.59 -9.56
CA GLN E 190 11.22 -5.40 -9.25
C GLN E 190 12.04 -5.66 -7.98
N ASN E 191 13.32 -6.00 -8.17
CA ASN E 191 14.24 -6.17 -7.06
C ASN E 191 15.65 -5.94 -7.56
N VAL E 192 16.60 -5.89 -6.61
CA VAL E 192 17.96 -5.50 -6.95
C VAL E 192 18.57 -6.50 -7.93
N ALA E 193 18.44 -7.80 -7.67
CA ALA E 193 19.01 -8.79 -8.57
C ALA E 193 18.39 -8.71 -9.96
N ASN E 194 17.07 -8.58 -10.02
CA ASN E 194 16.41 -8.44 -11.31
C ASN E 194 16.74 -7.14 -12.01
N TYR E 195 17.07 -6.08 -11.27
CA TYR E 195 17.55 -4.86 -11.90
C TYR E 195 18.87 -5.11 -12.63
N LEU E 196 19.80 -5.83 -12.00
CA LEU E 196 21.05 -6.16 -12.67
C LEU E 196 20.80 -7.08 -13.86
N ILE E 197 19.89 -8.04 -13.72
CA ILE E 197 19.58 -8.93 -14.84
C ILE E 197 19.00 -8.12 -16.00
N GLY E 198 18.12 -7.17 -15.72
CA GLY E 198 17.56 -6.34 -16.77
C GLY E 198 18.60 -5.45 -17.41
N SER E 199 19.55 -4.94 -16.62
CA SER E 199 20.64 -4.16 -17.19
C SER E 199 21.49 -5.00 -18.14
N LEU E 200 21.78 -6.24 -17.74
CA LEU E 200 22.52 -7.14 -18.61
C LEU E 200 21.74 -7.41 -19.89
N ALA E 201 20.43 -7.62 -19.77
CA ALA E 201 19.60 -7.85 -20.95
C ALA E 201 19.61 -6.63 -21.87
N VAL E 202 19.56 -5.43 -21.28
CA VAL E 202 19.59 -4.21 -22.08
C VAL E 202 20.91 -4.10 -22.82
N THR E 203 22.02 -4.41 -22.14
CA THR E 203 23.31 -4.36 -22.78
C THR E 203 23.40 -5.35 -23.94
N ASP E 204 22.89 -6.57 -23.72
CA ASP E 204 22.90 -7.57 -24.78
C ASP E 204 22.03 -7.14 -25.96
N LEU E 205 20.86 -6.56 -25.68
CA LEU E 205 20.00 -6.08 -26.75
C LEU E 205 20.68 -4.96 -27.54
N MET E 206 21.34 -4.04 -26.86
CA MET E 206 22.06 -2.99 -27.55
C MET E 206 23.16 -3.57 -28.42
N VAL E 207 23.87 -4.58 -27.91
CA VAL E 207 24.89 -5.25 -28.71
C VAL E 207 24.26 -5.82 -29.97
N SER E 208 23.18 -6.58 -29.80
CA SER E 208 22.55 -7.26 -30.93
C SER E 208 21.97 -6.28 -31.94
N VAL E 209 21.57 -5.09 -31.51
CA VAL E 209 20.95 -4.10 -32.38
C VAL E 209 21.97 -3.26 -33.11
N LEU E 210 23.02 -2.81 -32.42
CA LEU E 210 23.96 -1.85 -32.99
C LEU E 210 25.20 -2.49 -33.57
N VAL E 211 25.58 -3.69 -33.13
CA VAL E 211 26.86 -4.30 -33.48
C VAL E 211 26.68 -5.46 -34.43
N LEU E 212 25.90 -6.46 -34.05
CA LEU E 212 25.84 -7.70 -34.81
C LEU E 212 25.47 -7.51 -36.28
N PRO E 213 24.50 -6.69 -36.67
CA PRO E 213 24.21 -6.55 -38.11
C PRO E 213 25.40 -6.07 -38.92
N MET E 214 26.18 -5.11 -38.42
CA MET E 214 27.35 -4.64 -39.16
C MET E 214 28.42 -5.73 -39.25
N ALA E 215 28.62 -6.47 -38.16
CA ALA E 215 29.59 -7.57 -38.20
C ALA E 215 29.17 -8.63 -39.20
N ALA E 216 27.87 -8.95 -39.25
CA ALA E 216 27.37 -9.92 -40.22
C ALA E 216 27.56 -9.42 -41.64
N LEU E 217 27.30 -8.13 -41.88
CA LEU E 217 27.52 -7.58 -43.21
C LEU E 217 28.99 -7.68 -43.60
N TYR E 218 29.89 -7.36 -42.67
CA TYR E 218 31.32 -7.47 -42.94
C TYR E 218 31.70 -8.92 -43.24
N GLN E 219 31.17 -9.86 -42.46
CA GLN E 219 31.50 -11.27 -42.66
C GLN E 219 31.04 -11.76 -44.02
N VAL E 220 29.78 -11.44 -44.39
CA VAL E 220 29.26 -11.92 -45.65
C VAL E 220 29.97 -11.26 -46.83
N LEU E 221 30.21 -9.95 -46.77
CA LEU E 221 30.92 -9.26 -47.85
C LEU E 221 32.42 -9.49 -47.82
N ASN E 222 32.98 -9.84 -46.66
CA ASN E 222 34.42 -10.06 -46.51
C ASN E 222 35.23 -8.79 -46.72
N LYS E 223 34.58 -7.63 -46.73
CA LYS E 223 35.27 -6.36 -46.88
C LYS E 223 34.44 -5.27 -46.23
N TRP E 224 35.10 -4.15 -45.93
CA TRP E 224 34.44 -3.02 -45.28
C TRP E 224 34.08 -1.99 -46.34
N THR E 225 32.79 -1.66 -46.44
CA THR E 225 32.31 -0.73 -47.46
C THR E 225 31.74 0.56 -46.87
N LEU E 226 31.65 0.67 -45.55
CA LEU E 226 31.02 1.82 -44.91
C LEU E 226 32.01 2.94 -44.58
N GLY E 227 33.28 2.80 -44.94
CA GLY E 227 34.26 3.83 -44.70
C GLY E 227 35.02 3.63 -43.40
N GLN E 228 36.12 4.37 -43.28
CA GLN E 228 36.98 4.23 -42.10
C GLN E 228 36.34 4.84 -40.86
N VAL E 229 35.57 5.91 -41.02
CA VAL E 229 34.88 6.50 -39.86
C VAL E 229 33.89 5.51 -39.28
N THR E 230 33.12 4.84 -40.14
CA THR E 230 32.20 3.81 -39.66
C THR E 230 32.96 2.65 -39.05
N CYS E 231 34.13 2.31 -39.58
CA CYS E 231 34.94 1.27 -38.97
C CYS E 231 35.33 1.65 -37.54
N ASP E 232 35.79 2.88 -37.35
CA ASP E 232 36.18 3.33 -36.01
C ASP E 232 34.98 3.32 -35.06
N LEU E 233 33.83 3.80 -35.54
CA LEU E 233 32.63 3.80 -34.71
C LEU E 233 32.24 2.38 -34.32
N PHE E 234 32.27 1.46 -35.28
CA PHE E 234 31.89 0.07 -35.02
C PHE E 234 32.84 -0.57 -34.01
N ILE E 235 34.15 -0.33 -34.17
CA ILE E 235 35.10 -0.90 -33.22
C ILE E 235 34.90 -0.34 -31.82
N ALA E 236 34.68 0.98 -31.71
CA ALA E 236 34.45 1.57 -30.41
C ALA E 236 33.20 0.99 -29.75
N LEU E 237 32.11 0.87 -30.52
CA LEU E 237 30.88 0.31 -29.98
C LEU E 237 31.10 -1.14 -29.56
N ASP E 238 31.78 -1.93 -30.39
CA ASP E 238 32.08 -3.31 -30.03
C ASP E 238 32.80 -3.37 -28.69
N VAL E 239 33.89 -2.62 -28.56
CA VAL E 239 34.68 -2.69 -27.34
C VAL E 239 33.85 -2.28 -26.14
N LEU E 240 33.18 -1.13 -26.22
CA LEU E 240 32.42 -0.62 -25.07
C LEU E 240 31.33 -1.60 -24.67
N CYS E 241 30.49 -2.02 -25.63
CA CYS E 241 29.35 -2.85 -25.30
C CYS E 241 29.78 -4.23 -24.80
N CYS E 242 30.79 -4.83 -25.43
CA CYS E 242 31.23 -6.15 -24.99
C CYS E 242 31.87 -6.09 -23.62
N THR E 243 32.66 -5.04 -23.34
CA THR E 243 33.23 -4.89 -22.01
C THR E 243 32.13 -4.74 -20.96
N SER E 244 31.11 -3.93 -21.27
CA SER E 244 30.01 -3.75 -20.32
C SER E 244 29.28 -5.07 -20.08
N SER E 245 29.03 -5.82 -21.15
CA SER E 245 28.33 -7.10 -21.01
C SER E 245 29.16 -8.06 -20.16
N ILE E 246 30.47 -8.11 -20.40
CA ILE E 246 31.33 -9.01 -19.62
C ILE E 246 31.32 -8.62 -18.15
N TRP E 247 31.41 -7.32 -17.86
CA TRP E 247 31.46 -6.86 -16.48
C TRP E 247 30.12 -6.99 -15.78
N HIS E 248 29.02 -7.06 -16.52
CA HIS E 248 27.72 -7.28 -15.89
C HIS E 248 27.70 -8.62 -15.16
N LEU E 249 28.29 -9.66 -15.75
CA LEU E 249 28.35 -10.95 -15.08
C LEU E 249 29.13 -10.87 -13.78
N CYS E 250 30.26 -10.15 -13.79
CA CYS E 250 31.03 -9.98 -12.57
C CYS E 250 30.24 -9.20 -11.52
N ALA E 251 29.49 -8.17 -11.93
CA ALA E 251 28.67 -7.44 -10.98
C ALA E 251 27.60 -8.33 -10.37
N ILE E 252 26.96 -9.17 -11.19
CA ILE E 252 25.95 -10.09 -10.67
C ILE E 252 26.58 -11.08 -9.70
N ALA E 253 27.77 -11.60 -10.03
CA ALA E 253 28.44 -12.52 -9.12
C ALA E 253 28.78 -11.86 -7.81
N LEU E 254 29.24 -10.60 -7.85
CA LEU E 254 29.56 -9.88 -6.62
C LEU E 254 28.30 -9.66 -5.78
N ASP E 255 27.19 -9.31 -6.42
CA ASP E 255 25.94 -9.13 -5.70
C ASP E 255 25.52 -10.42 -5.02
N ARG E 256 25.63 -11.55 -5.75
CA ARG E 256 25.28 -12.84 -5.16
C ARG E 256 26.21 -13.18 -3.99
N TYR E 257 27.49 -12.89 -4.13
CA TYR E 257 28.44 -13.15 -3.05
C TYR E 257 28.06 -12.34 -1.81
N TRP E 258 27.75 -11.06 -1.99
CA TRP E 258 27.34 -10.24 -0.85
C TRP E 258 26.07 -10.76 -0.23
N ALA E 259 25.10 -11.18 -1.04
CA ALA E 259 23.85 -11.69 -0.50
C ALA E 259 24.07 -12.96 0.32
N ILE E 260 24.86 -13.89 -0.21
CA ILE E 260 25.05 -15.18 0.44
C ILE E 260 25.90 -15.04 1.70
N THR E 261 26.99 -14.28 1.63
CA THR E 261 27.96 -14.24 2.72
C THR E 261 27.71 -13.12 3.72
N ASP E 262 26.65 -12.34 3.56
CA ASP E 262 26.36 -11.23 4.46
C ASP E 262 24.85 -11.00 4.50
N PRO E 263 24.13 -11.64 5.42
CA PRO E 263 22.69 -11.40 5.54
C PRO E 263 22.35 -10.09 6.25
N ILE E 264 23.19 -9.63 7.18
CA ILE E 264 22.93 -8.36 7.84
C ILE E 264 22.95 -7.22 6.83
N ASP E 265 23.94 -7.23 5.93
CA ASP E 265 23.97 -6.24 4.85
C ASP E 265 22.76 -6.41 3.94
N TYR E 266 22.38 -7.67 3.67
CA TYR E 266 21.22 -7.93 2.82
C TYR E 266 19.96 -7.30 3.40
N VAL E 267 19.81 -7.34 4.72
CA VAL E 267 18.57 -6.86 5.34
C VAL E 267 18.61 -5.36 5.57
N ASN E 268 19.74 -4.84 6.08
CA ASN E 268 19.78 -3.47 6.55
C ASN E 268 20.35 -2.47 5.55
N LYS E 269 21.09 -2.93 4.53
CA LYS E 269 21.78 -2.00 3.64
C LYS E 269 21.57 -2.27 2.16
N ARG E 270 20.98 -3.39 1.76
CA ARG E 270 20.85 -3.70 0.33
C ARG E 270 19.70 -2.88 -0.27
N THR E 271 20.02 -2.02 -1.23
CA THR E 271 19.04 -1.16 -1.87
C THR E 271 19.32 -1.05 -3.36
N PRO E 272 18.37 -0.58 -4.17
CA PRO E 272 18.64 -0.45 -5.61
C PRO E 272 19.81 0.44 -5.94
N ARG E 273 20.20 1.35 -5.04
CA ARG E 273 21.38 2.18 -5.28
C ARG E 273 22.61 1.32 -5.53
N ARG E 274 22.70 0.15 -4.89
CA ARG E 274 23.82 -0.75 -5.14
C ARG E 274 23.84 -1.19 -6.60
N ALA E 275 22.69 -1.61 -7.13
CA ALA E 275 22.61 -2.03 -8.53
C ALA E 275 22.93 -0.87 -9.46
N ALA E 276 22.42 0.32 -9.13
CA ALA E 276 22.72 1.49 -9.95
C ALA E 276 24.21 1.78 -9.98
N ALA E 277 24.87 1.71 -8.83
CA ALA E 277 26.30 1.94 -8.77
C ALA E 277 27.07 0.90 -9.56
N LEU E 278 26.69 -0.37 -9.45
CA LEU E 278 27.36 -1.42 -10.20
C LEU E 278 27.20 -1.20 -11.70
N ILE E 279 25.99 -0.84 -12.14
CA ILE E 279 25.75 -0.60 -13.56
C ILE E 279 26.59 0.59 -14.03
N SER E 280 26.67 1.64 -13.22
CA SER E 280 27.47 2.80 -13.59
C SER E 280 28.94 2.42 -13.71
N LEU E 281 29.45 1.62 -12.78
CA LEU E 281 30.86 1.21 -12.82
C LEU E 281 31.14 0.36 -14.06
N THR E 282 30.22 -0.54 -14.43
CA THR E 282 30.44 -1.36 -15.62
C THR E 282 30.61 -0.49 -16.86
N TRP E 283 29.72 0.49 -17.03
CA TRP E 283 29.81 1.38 -18.19
C TRP E 283 31.03 2.28 -18.10
N LEU E 284 31.44 2.67 -16.89
CA LEU E 284 32.65 3.45 -16.74
C LEU E 284 33.86 2.67 -17.22
N ILE E 285 33.97 1.40 -16.83
CA ILE E 285 35.06 0.56 -17.29
C ILE E 285 35.00 0.39 -18.81
N GLY E 286 33.80 0.16 -19.34
CA GLY E 286 33.65 0.00 -20.78
C GLY E 286 34.13 1.22 -21.54
N PHE E 287 33.73 2.40 -21.08
CA PHE E 287 34.17 3.64 -21.73
C PHE E 287 35.67 3.83 -21.59
N LEU E 288 36.22 3.54 -20.40
CA LEU E 288 37.65 3.69 -20.19
C LEU E 288 38.45 2.77 -21.10
N ILE E 289 37.94 1.59 -21.43
CA ILE E 289 38.67 0.64 -22.26
C ILE E 289 38.41 0.92 -23.75
N SER E 290 37.27 1.53 -24.06
CA SER E 290 36.90 1.72 -25.46
C SER E 290 37.37 3.06 -26.01
N ILE E 291 37.45 4.09 -25.16
CA ILE E 291 37.84 5.43 -25.58
C ILE E 291 39.27 5.50 -26.12
N PRO E 292 40.25 4.84 -25.48
CA PRO E 292 41.67 5.13 -25.79
C PRO E 292 41.98 5.11 -27.27
N PRO E 293 41.69 4.01 -27.99
CA PRO E 293 42.23 3.89 -29.34
C PRO E 293 41.68 4.92 -30.32
N MET E 294 40.45 5.41 -30.10
CA MET E 294 39.93 6.48 -30.94
C MET E 294 40.42 7.85 -30.50
N LEU E 295 41.10 7.94 -29.36
CA LEU E 295 41.49 9.23 -28.80
C LEU E 295 42.90 9.62 -29.22
N GLY E 296 43.90 8.80 -28.86
CA GLY E 296 45.28 9.17 -29.06
C GLY E 296 46.18 8.07 -29.61
N TRP E 297 45.58 7.02 -30.17
CA TRP E 297 46.38 5.94 -30.75
C TRP E 297 47.07 6.41 -32.02
N PRO E 306 43.26 -0.42 -45.25
CA PRO E 306 42.20 0.50 -45.69
C PRO E 306 40.97 -0.22 -46.22
N ASP E 307 41.19 -1.37 -46.87
CA ASP E 307 40.09 -2.15 -47.42
C ASP E 307 39.38 -2.99 -46.37
N ALA E 308 39.98 -3.17 -45.20
CA ALA E 308 39.41 -4.00 -44.14
C ALA E 308 39.39 -3.24 -42.84
N CYS E 309 38.43 -3.58 -41.98
CA CYS E 309 38.27 -2.96 -40.67
C CYS E 309 38.92 -3.86 -39.63
N THR E 310 39.93 -3.33 -38.94
CA THR E 310 40.70 -4.14 -37.99
C THR E 310 41.06 -3.28 -36.79
N ILE E 311 41.19 -3.92 -35.63
CA ILE E 311 41.53 -3.20 -34.41
C ILE E 311 43.04 -3.06 -34.29
N SER E 312 43.46 -2.05 -33.53
CA SER E 312 44.88 -1.78 -33.34
C SER E 312 45.59 -3.00 -32.76
N LYS E 313 46.80 -3.25 -33.26
CA LYS E 313 47.61 -4.38 -32.84
C LYS E 313 48.81 -3.98 -32.00
N ASP E 314 48.78 -2.79 -31.39
CA ASP E 314 49.90 -2.35 -30.57
C ASP E 314 50.13 -3.31 -29.42
N HIS E 315 51.41 -3.59 -29.12
CA HIS E 315 51.73 -4.58 -28.11
C HIS E 315 51.19 -4.18 -26.74
N GLY E 316 51.37 -2.92 -26.35
CA GLY E 316 50.88 -2.48 -25.06
C GLY E 316 49.36 -2.39 -25.01
N TYR E 317 48.77 -1.82 -26.05
CA TYR E 317 47.32 -1.63 -26.05
C TYR E 317 46.58 -2.96 -26.00
N THR E 318 47.02 -3.94 -26.78
CA THR E 318 46.30 -5.21 -26.83
C THR E 318 46.34 -5.91 -25.47
N ILE E 319 47.51 -5.94 -24.82
CA ILE E 319 47.61 -6.59 -23.52
C ILE E 319 46.79 -5.83 -22.48
N TYR E 320 46.86 -4.50 -22.49
CA TYR E 320 46.10 -3.72 -21.54
C TYR E 320 44.60 -3.97 -21.71
N SER E 321 44.12 -3.93 -22.95
CA SER E 321 42.70 -4.11 -23.21
C SER E 321 42.24 -5.51 -22.82
N THR E 322 43.01 -6.53 -23.20
CA THR E 322 42.62 -7.90 -22.83
C THR E 322 42.60 -8.10 -21.33
N PHE E 323 43.61 -7.59 -20.62
CA PHE E 323 43.64 -7.75 -19.16
C PHE E 323 42.47 -7.02 -18.51
N GLY E 324 42.15 -5.81 -19.00
CA GLY E 324 41.05 -5.08 -18.41
C GLY E 324 39.69 -5.64 -18.79
N ALA E 325 39.61 -6.40 -19.88
CA ALA E 325 38.32 -6.85 -20.37
C ALA E 325 37.96 -8.26 -19.89
N PHE E 326 38.90 -9.21 -19.94
CA PHE E 326 38.54 -10.61 -19.72
C PHE E 326 39.22 -11.25 -18.52
N TYR E 327 40.54 -11.08 -18.39
CA TYR E 327 41.28 -11.85 -17.41
C TYR E 327 40.93 -11.46 -15.98
N ILE E 328 40.89 -10.16 -15.69
CA ILE E 328 40.59 -9.68 -14.35
C ILE E 328 39.17 -10.11 -13.96
N PRO E 329 38.16 -9.84 -14.78
CA PRO E 329 36.81 -10.32 -14.44
C PRO E 329 36.73 -11.84 -14.37
N LEU E 330 37.49 -12.56 -15.19
CA LEU E 330 37.48 -14.02 -15.09
C LEU E 330 37.99 -14.48 -13.73
N LEU E 331 39.10 -13.90 -13.26
CA LEU E 331 39.64 -14.27 -11.97
C LEU E 331 38.66 -13.90 -10.85
N LEU E 332 38.07 -12.71 -10.94
CA LEU E 332 37.11 -12.29 -9.92
C LEU E 332 35.92 -13.24 -9.86
N MET E 333 35.38 -13.61 -11.04
CA MET E 333 34.25 -14.53 -11.07
C MET E 333 34.64 -15.88 -10.51
N LEU E 334 35.83 -16.38 -10.86
CA LEU E 334 36.27 -17.67 -10.33
C LEU E 334 36.35 -17.65 -8.81
N VAL E 335 36.97 -16.61 -8.24
CA VAL E 335 37.10 -16.53 -6.79
C VAL E 335 35.74 -16.44 -6.13
N LEU E 336 34.88 -15.57 -6.67
CA LEU E 336 33.57 -15.37 -6.06
C LEU E 336 32.75 -16.66 -6.09
N TYR E 337 32.76 -17.37 -7.22
CA TYR E 337 31.99 -18.59 -7.32
C TYR E 337 32.60 -19.73 -6.51
N GLY E 338 33.93 -19.76 -6.34
CA GLY E 338 34.51 -20.70 -5.41
C GLY E 338 34.03 -20.47 -3.99
N ARG E 339 33.98 -19.20 -3.57
CA ARG E 339 33.45 -18.89 -2.25
C ARG E 339 31.98 -19.26 -2.13
N ILE E 340 31.20 -19.00 -3.19
CA ILE E 340 29.80 -19.42 -3.21
C ILE E 340 29.69 -20.92 -3.02
N PHE E 341 30.52 -21.69 -3.75
CA PHE E 341 30.46 -23.13 -3.65
C PHE E 341 30.79 -23.60 -2.23
N ARG E 342 31.85 -23.02 -1.63
CA ARG E 342 32.22 -23.41 -0.28
C ARG E 342 31.09 -23.12 0.70
N ALA E 343 30.51 -21.91 0.62
CA ALA E 343 29.44 -21.55 1.54
C ALA E 343 28.22 -22.45 1.36
N ALA E 344 27.84 -22.72 0.11
CA ALA E 344 26.67 -23.54 -0.15
C ALA E 344 26.89 -24.97 0.34
N ARG E 345 28.09 -25.52 0.11
CA ARG E 345 28.37 -26.86 0.60
C ARG E 345 28.34 -26.91 2.12
N PHE E 346 28.91 -25.90 2.78
CA PHE E 346 28.89 -25.87 4.24
C PHE E 346 27.45 -25.81 4.76
N ARG E 347 26.62 -24.98 4.14
CA ARG E 347 25.23 -24.89 4.57
C ARG E 347 24.48 -26.18 4.33
N ILE E 348 24.70 -26.83 3.19
CA ILE E 348 23.99 -28.06 2.87
C ILE E 348 24.39 -29.16 3.85
N ARG E 349 25.68 -29.31 4.12
CA ARG E 349 26.14 -30.39 4.99
C ARG E 349 25.69 -30.21 6.43
N LYS E 350 25.51 -28.97 6.87
CA LYS E 350 25.08 -28.69 8.24
C LYS E 350 23.72 -29.33 8.50
N LYS E 446 13.06 -48.34 12.28
CA LYS E 446 12.14 -47.57 11.46
C LYS E 446 12.57 -46.11 11.40
N ASN E 447 13.37 -45.68 12.36
CA ASN E 447 13.85 -44.29 12.39
C ASN E 447 14.92 -44.03 11.35
N GLU E 448 15.56 -45.07 10.83
CA GLU E 448 16.63 -44.87 9.84
C GLU E 448 16.10 -44.30 8.54
N ARG E 449 14.79 -44.45 8.29
CA ARG E 449 14.21 -43.96 7.04
C ARG E 449 14.35 -42.45 6.93
N ASN E 450 14.09 -41.73 8.03
CA ASN E 450 14.20 -40.28 8.01
C ASN E 450 15.63 -39.84 7.74
N ALA E 451 16.61 -40.50 8.38
CA ALA E 451 18.00 -40.16 8.15
C ALA E 451 18.41 -40.43 6.71
N GLU E 452 17.95 -41.56 6.15
CA GLU E 452 18.26 -41.86 4.77
C GLU E 452 17.67 -40.81 3.83
N ALA E 453 16.43 -40.41 4.08
CA ALA E 453 15.81 -39.37 3.26
C ALA E 453 16.57 -38.06 3.37
N LYS E 454 17.01 -37.70 4.57
CA LYS E 454 17.79 -36.49 4.74
C LYS E 454 19.10 -36.55 3.95
N ARG E 455 19.79 -37.69 4.02
CA ARG E 455 21.03 -37.84 3.28
C ARG E 455 20.80 -37.75 1.78
N LYS E 456 19.75 -38.39 1.28
CA LYS E 456 19.45 -38.33 -0.15
C LYS E 456 19.12 -36.91 -0.58
N MET E 457 18.35 -36.18 0.23
CA MET E 457 18.03 -34.79 -0.10
C MET E 457 19.28 -33.93 -0.12
N ALA E 458 20.18 -34.13 0.85
CA ALA E 458 21.43 -33.38 0.86
C ALA E 458 22.25 -33.67 -0.39
N LEU E 459 22.34 -34.95 -0.78
CA LEU E 459 23.07 -35.30 -1.98
C LEU E 459 22.46 -34.65 -3.22
N ALA E 460 21.12 -34.66 -3.30
CA ALA E 460 20.45 -34.03 -4.44
C ALA E 460 20.74 -32.53 -4.49
N ARG E 461 20.70 -31.86 -3.34
CA ARG E 461 21.00 -30.44 -3.32
C ARG E 461 22.44 -30.16 -3.74
N GLU E 462 23.38 -31.00 -3.28
CA GLU E 462 24.77 -30.84 -3.69
C GLU E 462 24.91 -31.01 -5.19
N ARG E 463 24.24 -32.01 -5.75
CA ARG E 463 24.30 -32.23 -7.19
C ARG E 463 23.72 -31.04 -7.95
N LYS E 464 22.61 -30.49 -7.46
CA LYS E 464 22.01 -29.33 -8.11
C LYS E 464 22.95 -28.14 -8.09
N THR E 465 23.58 -27.88 -6.94
CA THR E 465 24.52 -26.77 -6.85
C THR E 465 25.69 -26.96 -7.81
N VAL E 466 26.23 -28.18 -7.85
CA VAL E 466 27.34 -28.46 -8.75
C VAL E 466 26.91 -28.24 -10.20
N LYS E 467 25.72 -28.71 -10.57
CA LYS E 467 25.25 -28.55 -11.94
C LYS E 467 25.11 -27.08 -12.30
N THR E 468 24.52 -26.27 -11.40
CA THR E 468 24.34 -24.86 -11.69
C THR E 468 25.68 -24.15 -11.87
N LEU E 469 26.61 -24.37 -10.94
CA LEU E 469 27.91 -23.71 -11.03
C LEU E 469 28.66 -24.15 -12.28
N GLY E 470 28.63 -25.45 -12.59
CA GLY E 470 29.26 -25.92 -13.81
C GLY E 470 28.66 -25.30 -15.05
N ILE E 471 27.33 -25.21 -15.11
CA ILE E 471 26.68 -24.59 -16.25
C ILE E 471 27.20 -23.18 -16.44
N ILE E 472 27.16 -22.38 -15.38
CA ILE E 472 27.55 -20.96 -15.49
C ILE E 472 29.01 -20.85 -15.94
N MET E 473 29.90 -21.54 -15.23
CA MET E 473 31.32 -21.36 -15.48
C MET E 473 31.71 -21.88 -16.86
N GLY E 474 31.22 -23.06 -17.24
CA GLY E 474 31.54 -23.61 -18.55
C GLY E 474 30.98 -22.76 -19.68
N THR E 475 29.75 -22.28 -19.53
CA THR E 475 29.20 -21.40 -20.56
C THR E 475 30.08 -20.18 -20.75
N PHE E 476 30.42 -19.49 -19.65
CA PHE E 476 31.25 -18.29 -19.77
C PHE E 476 32.60 -18.62 -20.40
N ILE E 477 33.23 -19.70 -19.95
CA ILE E 477 34.58 -20.03 -20.42
C ILE E 477 34.55 -20.35 -21.91
N LEU E 478 33.66 -21.24 -22.33
CA LEU E 478 33.61 -21.61 -23.73
C LEU E 478 33.15 -20.45 -24.60
N CYS E 479 32.40 -19.50 -24.04
CA CYS E 479 31.97 -18.35 -24.83
C CYS E 479 33.10 -17.36 -25.06
N TRP E 480 33.89 -17.05 -24.03
CA TRP E 480 34.81 -15.91 -24.13
C TRP E 480 36.29 -16.28 -24.13
N LEU E 481 36.66 -17.43 -23.59
CA LEU E 481 38.09 -17.72 -23.42
C LEU E 481 38.86 -17.79 -24.74
N PRO E 482 38.44 -18.56 -25.75
CA PRO E 482 39.30 -18.72 -26.94
C PRO E 482 39.62 -17.41 -27.63
N PHE E 483 38.64 -16.51 -27.74
CA PHE E 483 38.86 -15.28 -28.49
C PHE E 483 39.95 -14.42 -27.87
N PHE E 484 39.95 -14.30 -26.54
CA PHE E 484 40.95 -13.47 -25.89
C PHE E 484 42.33 -14.10 -25.93
N ILE E 485 42.43 -15.43 -25.87
CA ILE E 485 43.71 -16.08 -26.08
C ILE E 485 44.24 -15.77 -27.48
N VAL E 486 43.36 -15.88 -28.48
CA VAL E 486 43.77 -15.58 -29.85
C VAL E 486 44.24 -14.13 -29.96
N ALA E 487 43.48 -13.20 -29.35
CA ALA E 487 43.84 -11.80 -29.41
C ALA E 487 45.16 -11.51 -28.72
N LEU E 488 45.45 -12.22 -27.61
CA LEU E 488 46.69 -11.99 -26.89
C LEU E 488 47.89 -12.60 -27.60
N VAL E 489 47.69 -13.71 -28.31
CA VAL E 489 48.82 -14.41 -28.91
C VAL E 489 49.21 -13.79 -30.25
N LEU E 490 48.23 -13.53 -31.11
CA LEU E 490 48.55 -13.15 -32.49
C LEU E 490 49.42 -11.90 -32.56
N PRO E 491 49.16 -10.83 -31.82
CA PRO E 491 50.03 -9.65 -31.93
C PRO E 491 51.51 -9.95 -31.76
N PHE E 492 51.86 -10.87 -30.86
CA PHE E 492 53.25 -11.18 -30.56
C PHE E 492 53.79 -12.33 -31.40
N CYS E 493 52.95 -12.96 -32.22
CA CYS E 493 53.36 -14.08 -33.05
C CYS E 493 52.77 -14.06 -34.45
N GLU E 494 52.10 -12.99 -34.88
CA GLU E 494 51.45 -12.97 -36.18
C GLU E 494 52.44 -13.19 -37.32
N SER E 495 53.73 -12.93 -37.09
CA SER E 495 54.72 -13.08 -38.14
C SER E 495 54.81 -14.52 -38.66
N SER E 496 54.38 -15.51 -37.86
CA SER E 496 54.46 -16.90 -38.26
C SER E 496 53.15 -17.66 -38.10
N CYS E 497 52.08 -17.01 -37.64
CA CYS E 497 50.80 -17.70 -37.49
C CYS E 497 50.17 -17.95 -38.85
N HIS E 498 49.57 -19.14 -39.01
CA HIS E 498 48.90 -19.52 -40.25
C HIS E 498 47.47 -19.96 -40.03
N MET E 499 46.80 -19.45 -39.00
CA MET E 499 45.44 -19.88 -38.72
C MET E 499 44.53 -19.53 -39.90
N PRO E 500 43.62 -20.41 -40.29
CA PRO E 500 42.75 -20.12 -41.44
C PRO E 500 41.65 -19.13 -41.09
N THR E 501 40.99 -18.64 -42.15
CA THR E 501 39.91 -17.69 -41.96
C THR E 501 38.72 -18.33 -41.24
N LEU E 502 38.46 -19.60 -41.51
CA LEU E 502 37.32 -20.27 -40.88
C LEU E 502 37.47 -20.31 -39.36
N LEU E 503 38.66 -20.65 -38.87
CA LEU E 503 38.87 -20.69 -37.42
C LEU E 503 38.71 -19.31 -36.81
N GLY E 504 39.26 -18.28 -37.46
CA GLY E 504 39.10 -16.94 -36.94
C GLY E 504 37.65 -16.50 -36.88
N ALA E 505 36.88 -16.79 -37.93
CA ALA E 505 35.47 -16.43 -37.93
C ALA E 505 34.71 -17.18 -36.85
N ILE E 506 34.99 -18.48 -36.69
CA ILE E 506 34.32 -19.25 -35.65
C ILE E 506 34.62 -18.66 -34.27
N ILE E 507 35.89 -18.35 -34.02
CA ILE E 507 36.28 -17.81 -32.72
C ILE E 507 35.63 -16.45 -32.49
N ASN E 508 35.61 -15.59 -33.52
CA ASN E 508 35.00 -14.28 -33.37
C ASN E 508 33.52 -14.38 -33.07
N TRP E 509 32.81 -15.27 -33.77
CA TRP E 509 31.37 -15.40 -33.58
C TRP E 509 31.00 -16.17 -32.31
N LEU E 510 31.93 -16.93 -31.74
CA LEU E 510 31.66 -17.58 -30.46
C LEU E 510 31.42 -16.55 -29.38
N GLY E 511 32.21 -15.48 -29.36
CA GLY E 511 32.02 -14.45 -28.35
C GLY E 511 30.67 -13.78 -28.46
N TYR E 512 30.22 -13.51 -29.69
CA TYR E 512 28.93 -12.87 -29.88
C TYR E 512 27.79 -13.76 -29.39
N SER E 513 27.96 -15.09 -29.46
CA SER E 513 26.91 -16.00 -29.03
C SER E 513 26.60 -15.84 -27.55
N ASN E 514 27.52 -15.28 -26.76
CA ASN E 514 27.26 -15.09 -25.33
C ASN E 514 26.10 -14.12 -25.10
N SER E 515 25.81 -13.26 -26.07
CA SER E 515 24.74 -12.29 -25.92
C SER E 515 23.36 -12.94 -25.78
N LEU E 516 23.17 -14.15 -26.31
CA LEU E 516 21.88 -14.83 -26.23
C LEU E 516 21.84 -15.95 -25.20
N LEU E 517 22.99 -16.50 -24.82
CA LEU E 517 23.01 -17.52 -23.76
C LEU E 517 22.86 -16.90 -22.38
N ASN E 518 23.38 -15.68 -22.18
CA ASN E 518 23.25 -15.00 -20.90
C ASN E 518 21.80 -14.75 -20.50
N PRO E 519 20.95 -14.16 -21.34
CA PRO E 519 19.54 -14.03 -20.96
C PRO E 519 18.87 -15.37 -20.69
N VAL E 520 19.16 -16.39 -21.49
CA VAL E 520 18.62 -17.72 -21.21
C VAL E 520 18.96 -18.14 -19.80
N ILE E 521 20.26 -18.20 -19.49
CA ILE E 521 20.71 -18.73 -18.21
C ILE E 521 20.14 -17.91 -17.06
N TYR E 522 20.15 -16.58 -17.18
CA TYR E 522 19.83 -15.73 -16.04
C TYR E 522 18.34 -15.47 -15.86
N ALA E 523 17.52 -15.64 -16.90
CA ALA E 523 16.10 -15.37 -16.76
C ALA E 523 15.26 -16.63 -17.03
N TYR E 524 15.47 -17.27 -18.18
CA TYR E 524 14.59 -18.37 -18.58
C TYR E 524 14.85 -19.63 -17.79
N PHE E 525 15.96 -19.71 -17.06
CA PHE E 525 16.20 -20.82 -16.13
C PHE E 525 15.75 -20.49 -14.72
N ASN E 526 15.17 -19.32 -14.49
CA ASN E 526 14.70 -18.90 -13.17
C ASN E 526 13.21 -19.17 -13.07
N LYS E 527 12.78 -19.71 -11.93
CA LYS E 527 11.37 -20.04 -11.75
C LYS E 527 10.50 -18.79 -11.76
N ASP E 528 10.97 -17.72 -11.10
CA ASP E 528 10.18 -16.49 -11.04
C ASP E 528 9.96 -15.89 -12.43
N PHE E 529 11.01 -15.88 -13.25
CA PHE E 529 10.89 -15.27 -14.58
C PHE E 529 9.91 -16.05 -15.44
N GLN E 530 9.99 -17.38 -15.44
CA GLN E 530 9.07 -18.17 -16.25
C GLN E 530 7.65 -18.09 -15.71
N ASN E 531 7.49 -18.01 -14.39
CA ASN E 531 6.16 -17.81 -13.84
C ASN E 531 5.57 -16.47 -14.29
N ALA E 532 6.39 -15.42 -14.30
CA ALA E 532 5.93 -14.13 -14.80
C ALA E 532 5.57 -14.20 -16.28
N PHE E 533 6.39 -14.90 -17.06
CA PHE E 533 6.09 -15.04 -18.49
C PHE E 533 4.75 -15.75 -18.69
N LYS E 534 4.51 -16.81 -17.92
CA LYS E 534 3.23 -17.52 -18.02
C LYS E 534 2.07 -16.66 -17.54
N LYS E 535 2.28 -15.81 -16.53
CA LYS E 535 1.21 -14.93 -16.07
C LYS E 535 0.85 -13.88 -17.11
N ILE E 536 1.86 -13.29 -17.76
CA ILE E 536 1.59 -12.24 -18.73
C ILE E 536 0.83 -12.79 -19.93
N ILE E 537 1.28 -13.92 -20.46
CA ILE E 537 0.64 -14.49 -21.64
C ILE E 537 -0.78 -14.91 -21.31
#